data_4E9Y
#
_entry.id   4E9Y
#
_cell.length_a   74.741
_cell.length_b   101.174
_cell.length_c   124.002
_cell.angle_alpha   90.00
_cell.angle_beta   90.00
_cell.angle_gamma   90.00
#
_symmetry.space_group_name_H-M   'P 21 21 21'
#
loop_
_entity.id
_entity.type
_entity.pdbx_description
1 polymer 'Multicopper oxidase'
2 non-polymer 'COPPER (II) ION'
3 non-polymer 'OXYGEN MOLECULE'
4 non-polymer 'CHLORIDE ION'
5 water water
#
_entity_poly.entity_id   1
_entity_poly.type   'polypeptide(L)'
_entity_poly.pdbx_seq_one_letter_code
;MAEREFDMTIEEVTIKVAPGLDYKVFGFNGQVPGPLIHVQEGDDVIVNVTNNTSLPHTIHWHGVHQKGTWRSDGVPGVTQ
QPIEAGDSYTYKFKADRIGTLWYHCHVNVNEHVGVRGMWGPLIVDPKQPLPIEKRVTKDVIMMMSTWESAVADKYGEGGT
PMNVADYFSVNAKSFPLTQPLRVKKGDVVKIRFFGAGGGIHAMHSHGHDMLVTHKDGLPLDSPYYADTVLVSPGERYDVI
IEADNPGRFIFHDHVDTHVTAGGKHPGGPITVIEYDGVPVDDWYVWKDKDYDPNFFYSESLKQGYGMFDHDGFKGEFEQR
QRRPGRKLAAALEHHHHHH
;
_entity_poly.pdbx_strand_id   A,B,C
#
loop_
_chem_comp.id
_chem_comp.type
_chem_comp.name
_chem_comp.formula
CL non-polymer 'CHLORIDE ION' 'Cl -1'
CU non-polymer 'COPPER (II) ION' 'Cu 2'
OXY non-polymer 'OXYGEN MOLECULE' O2
#
# COMPACT_ATOMS: atom_id res chain seq x y z
N ALA A 2 34.16 12.49 -10.91
CA ALA A 2 34.67 13.73 -10.32
C ALA A 2 34.48 13.79 -8.81
N GLU A 3 35.38 14.46 -8.11
CA GLU A 3 35.16 14.70 -6.68
C GLU A 3 34.27 15.93 -6.47
N ARG A 4 33.18 15.75 -5.74
CA ARG A 4 32.19 16.78 -5.49
C ARG A 4 31.96 16.93 -4.00
N GLU A 5 32.30 18.11 -3.52
CA GLU A 5 32.26 18.37 -2.09
C GLU A 5 31.27 19.46 -1.76
N PHE A 6 30.42 19.21 -0.78
CA PHE A 6 29.36 20.11 -0.38
C PHE A 6 29.38 20.40 1.11
N ASP A 7 28.93 21.59 1.49
CA ASP A 7 28.82 21.99 2.88
C ASP A 7 27.32 22.15 3.17
N MET A 8 26.87 21.38 4.14
CA MET A 8 25.45 21.44 4.49
CA MET A 8 25.46 21.39 4.51
C MET A 8 25.31 21.83 5.96
N THR A 9 24.27 22.56 6.32
CA THR A 9 23.98 22.82 7.73
C THR A 9 22.60 22.23 8.06
N ILE A 10 22.33 22.16 9.35
CA ILE A 10 21.03 21.76 9.86
C ILE A 10 20.58 22.92 10.74
N GLU A 11 19.42 23.48 10.46
CA GLU A 11 18.92 24.70 11.06
C GLU A 11 17.55 24.55 11.69
N GLU A 12 17.28 25.28 12.77
CA GLU A 12 15.92 25.39 13.28
C GLU A 12 15.21 26.54 12.60
N VAL A 13 14.18 26.23 11.82
CA VAL A 13 13.39 27.25 11.15
C VAL A 13 11.92 26.86 11.24
N THR A 14 11.09 27.82 10.87
CA THR A 14 9.65 27.60 10.80
C THR A 14 9.16 27.75 9.36
N ILE A 15 8.36 26.78 8.90
CA ILE A 15 7.93 26.86 7.51
C ILE A 15 6.42 26.96 7.46
N LYS A 16 5.84 27.50 6.40
CA LYS A 16 4.39 27.55 6.31
C LYS A 16 3.94 26.38 5.45
N VAL A 17 3.24 25.44 6.09
CA VAL A 17 2.87 24.25 5.33
C VAL A 17 1.53 24.47 4.65
N ALA A 18 0.63 25.14 5.37
CA ALA A 18 -0.73 25.36 4.89
C ALA A 18 -1.20 26.73 5.40
N PRO A 19 -2.27 27.28 4.85
CA PRO A 19 -2.84 28.51 5.42
C PRO A 19 -3.11 28.28 6.91
N GLY A 20 -2.47 29.06 7.76
CA GLY A 20 -2.66 28.91 9.19
C GLY A 20 -1.94 27.77 9.85
N LEU A 21 -1.11 27.03 9.11
CA LEU A 21 -0.27 26.04 9.77
C LEU A 21 1.20 26.37 9.50
N ASP A 22 1.84 26.97 10.49
CA ASP A 22 3.29 27.14 10.53
C ASP A 22 3.90 26.00 11.32
N TYR A 23 5.05 25.52 10.91
CA TYR A 23 5.54 24.27 11.50
C TYR A 23 7.03 24.41 11.81
N LYS A 24 7.46 24.08 13.01
CA LYS A 24 8.86 24.04 13.37
C LYS A 24 9.51 22.79 12.81
N VAL A 25 10.58 23.00 12.06
CA VAL A 25 11.27 21.90 11.40
C VAL A 25 12.78 22.00 11.62
N PHE A 26 13.49 20.96 11.26
CA PHE A 26 14.94 20.95 11.28
C PHE A 26 15.35 20.88 9.80
N GLY A 27 15.49 22.05 9.15
CA GLY A 27 15.69 22.03 7.70
C GLY A 27 17.16 21.99 7.35
N PHE A 28 17.52 21.07 6.47
CA PHE A 28 18.84 21.09 5.86
C PHE A 28 19.00 22.41 5.12
N ASN A 29 20.07 23.14 5.41
CA ASN A 29 20.26 24.49 4.87
C ASN A 29 19.03 25.35 5.09
N GLY A 30 18.30 25.12 6.18
CA GLY A 30 17.19 25.98 6.53
C GLY A 30 16.01 25.89 5.57
N GLN A 31 15.89 24.77 4.84
CA GLN A 31 14.73 24.63 3.95
C GLN A 31 14.13 23.21 3.99
N VAL A 32 12.86 23.12 3.56
CA VAL A 32 12.19 21.82 3.45
C VAL A 32 11.42 21.82 2.12
N PRO A 33 11.62 20.95 1.15
CA PRO A 33 12.64 19.91 1.09
C PRO A 33 14.08 20.41 1.23
N GLY A 34 14.99 19.57 1.68
CA GLY A 34 16.39 20.04 1.74
C GLY A 34 16.93 20.27 0.35
N PRO A 35 18.16 20.77 0.26
CA PRO A 35 18.78 21.09 -1.04
C PRO A 35 18.84 19.88 -1.95
N LEU A 36 18.67 20.14 -3.24
CA LEU A 36 18.87 19.14 -4.26
C LEU A 36 20.35 18.83 -4.42
N ILE A 37 20.74 17.57 -4.34
CA ILE A 37 22.12 17.17 -4.65
C ILE A 37 22.06 16.38 -5.94
N HIS A 38 22.79 16.79 -6.95
CA HIS A 38 22.68 16.20 -8.29
C HIS A 38 24.09 15.88 -8.75
N VAL A 39 24.43 14.62 -8.91
CA VAL A 39 25.79 14.20 -9.24
C VAL A 39 25.72 13.17 -10.35
N GLN A 40 26.87 12.75 -10.85
CA GLN A 40 26.96 11.73 -11.86
C GLN A 40 27.39 10.38 -11.30
N GLU A 41 26.88 9.31 -11.92
CA GLU A 41 27.32 7.98 -11.56
C GLU A 41 28.85 7.91 -11.48
N GLY A 42 29.37 7.39 -10.38
CA GLY A 42 30.80 7.24 -10.15
C GLY A 42 31.44 8.44 -9.49
N ASP A 43 30.75 9.56 -9.32
CA ASP A 43 31.37 10.68 -8.61
C ASP A 43 31.72 10.29 -7.18
N ASP A 44 32.82 10.87 -6.71
CA ASP A 44 33.12 10.79 -5.29
C ASP A 44 32.51 11.99 -4.56
N VAL A 45 31.60 11.72 -3.64
CA VAL A 45 30.85 12.77 -2.95
C VAL A 45 31.38 12.98 -1.54
N ILE A 46 31.50 14.25 -1.18
CA ILE A 46 31.92 14.56 0.20
C ILE A 46 30.94 15.55 0.75
N VAL A 47 30.34 15.27 1.90
CA VAL A 47 29.39 16.20 2.46
C VAL A 47 29.81 16.52 3.90
N ASN A 48 30.12 17.79 4.16
CA ASN A 48 30.50 18.30 5.47
C ASN A 48 29.26 18.88 6.12
N VAL A 49 28.79 18.28 7.20
CA VAL A 49 27.55 18.67 7.85
C VAL A 49 27.80 19.35 9.19
N THR A 50 27.25 20.52 9.37
CA THR A 50 27.24 21.21 10.64
C THR A 50 25.85 21.34 11.25
N ASN A 51 25.75 20.85 12.47
CA ASN A 51 24.51 20.85 13.19
C ASN A 51 24.29 22.14 13.98
N ASN A 52 23.53 23.08 13.41
CA ASN A 52 23.22 24.33 14.08
C ASN A 52 21.91 24.28 14.83
N THR A 53 21.50 23.09 15.27
CA THR A 53 20.26 22.98 16.04
C THR A 53 20.57 22.54 17.47
N SER A 54 19.52 22.42 18.26
CA SER A 54 19.68 22.05 19.67
C SER A 54 19.66 20.55 19.90
N LEU A 55 19.55 19.72 18.87
CA LEU A 55 19.40 18.28 19.10
C LEU A 55 20.33 17.52 18.18
N PRO A 56 20.62 16.26 18.50
CA PRO A 56 21.49 15.47 17.64
C PRO A 56 20.75 14.99 16.39
N HIS A 57 21.54 14.85 15.33
CA HIS A 57 21.08 14.37 14.04
C HIS A 57 22.15 13.49 13.39
N THR A 58 21.84 12.87 12.25
CA THR A 58 22.80 12.31 11.33
C THR A 58 22.23 12.55 9.91
N ILE A 59 22.93 12.13 8.88
CA ILE A 59 22.30 12.02 7.56
C ILE A 59 22.56 10.61 7.02
N HIS A 60 21.47 9.91 6.71
CA HIS A 60 21.53 8.64 5.98
C HIS A 60 21.24 8.90 4.49
N TRP A 61 21.99 8.25 3.62
CA TRP A 61 21.96 8.40 2.17
C TRP A 61 21.20 7.19 1.62
N HIS A 62 19.89 7.40 1.44
CA HIS A 62 18.99 6.29 1.16
C HIS A 62 19.15 5.85 -0.28
N GLY A 63 19.58 4.61 -0.49
CA GLY A 63 19.83 4.06 -1.80
C GLY A 63 21.31 4.00 -2.10
N VAL A 64 22.10 4.74 -1.31
CA VAL A 64 23.54 4.71 -1.54
C VAL A 64 24.12 3.44 -0.93
N HIS A 65 24.81 2.62 -1.72
CA HIS A 65 25.24 1.34 -1.14
C HIS A 65 26.31 1.50 -0.07
N GLN A 66 27.09 2.57 -0.11
CA GLN A 66 28.20 2.70 0.85
C GLN A 66 29.15 1.53 0.69
N LYS A 67 29.50 1.22 -0.54
CA LYS A 67 30.39 0.12 -0.89
C LYS A 67 31.78 0.38 -0.30
N GLY A 68 32.12 -0.36 0.74
CA GLY A 68 33.37 -0.17 1.46
C GLY A 68 33.38 1.11 2.26
N THR A 69 32.24 1.76 2.47
CA THR A 69 32.21 3.02 3.21
C THR A 69 31.06 3.03 4.21
N TRP A 70 30.75 1.84 4.78
CA TRP A 70 29.61 1.72 5.69
C TRP A 70 29.61 2.72 6.84
N ARG A 71 30.80 3.21 7.25
CA ARG A 71 30.82 4.13 8.39
C ARG A 71 30.26 5.51 8.03
N SER A 72 29.95 5.72 6.75
CA SER A 72 29.24 6.94 6.35
C SER A 72 27.76 6.65 6.11
N ASP A 73 27.22 5.52 6.58
CA ASP A 73 25.79 5.26 6.31
C ASP A 73 24.84 6.11 7.12
N GLY A 74 25.28 6.76 8.20
CA GLY A 74 24.46 7.71 8.89
C GLY A 74 23.49 7.14 9.91
N VAL A 75 23.78 5.95 10.48
CA VAL A 75 22.82 5.39 11.42
C VAL A 75 23.36 5.43 12.84
N PRO A 76 22.73 6.14 13.75
CA PRO A 76 23.33 6.28 15.09
C PRO A 76 23.33 4.93 15.79
N GLY A 77 24.41 4.61 16.51
CA GLY A 77 24.46 3.37 17.28
C GLY A 77 24.77 2.16 16.42
N VAL A 78 24.84 2.40 15.10
CA VAL A 78 25.18 1.30 14.21
C VAL A 78 26.40 1.60 13.37
N THR A 79 26.42 2.79 12.73
CA THR A 79 27.57 3.15 11.91
C THR A 79 28.26 4.42 12.43
N GLN A 80 27.65 5.14 13.36
CA GLN A 80 28.32 6.30 13.95
C GLN A 80 27.62 6.67 15.24
N GLN A 81 28.31 7.51 16.01
CA GLN A 81 27.60 8.24 17.04
C GLN A 81 26.90 9.45 16.41
N PRO A 82 25.81 9.95 17.00
CA PRO A 82 25.06 11.06 16.40
C PRO A 82 25.89 12.34 16.31
N ILE A 83 25.50 13.23 15.42
CA ILE A 83 26.13 14.54 15.33
C ILE A 83 25.47 15.41 16.35
N GLU A 84 26.20 15.71 17.46
CA GLU A 84 25.55 16.45 18.53
C GLU A 84 25.39 17.92 18.17
N ALA A 85 24.52 18.58 18.93
CA ALA A 85 24.26 19.99 18.70
C ALA A 85 25.55 20.81 18.62
N GLY A 86 25.77 21.56 17.56
CA GLY A 86 26.93 22.42 17.40
C GLY A 86 28.07 21.74 16.69
N ASP A 87 28.03 20.39 16.66
CA ASP A 87 29.13 19.65 16.05
C ASP A 87 29.00 19.49 14.54
N SER A 88 30.09 19.01 13.97
CA SER A 88 30.19 18.72 12.55
C SER A 88 30.60 17.27 12.29
N TYR A 89 30.35 16.83 11.06
CA TYR A 89 30.66 15.47 10.64
C TYR A 89 30.76 15.41 9.12
N THR A 90 31.67 14.57 8.64
CA THR A 90 31.85 14.48 7.20
C THR A 90 31.54 13.07 6.68
N TYR A 91 30.65 13.06 5.70
CA TYR A 91 30.27 11.88 4.97
C TYR A 91 31.06 11.77 3.66
N LYS A 92 31.54 10.58 3.33
CA LYS A 92 32.18 10.34 2.04
C LYS A 92 31.69 9.03 1.43
N PHE A 93 31.22 9.13 0.19
CA PHE A 93 30.79 7.93 -0.53
C PHE A 93 30.93 8.08 -2.02
N LYS A 94 31.07 6.96 -2.71
CA LYS A 94 31.08 6.99 -4.17
C LYS A 94 29.64 6.83 -4.62
N ALA A 95 29.24 7.64 -5.60
CA ALA A 95 27.86 7.53 -6.07
C ALA A 95 27.77 6.42 -7.08
N ASP A 96 27.96 5.15 -6.70
CA ASP A 96 27.96 4.16 -7.76
C ASP A 96 26.57 3.58 -8.00
N ARG A 97 25.60 3.99 -7.21
CA ARG A 97 24.22 3.47 -7.38
C ARG A 97 23.43 4.57 -8.08
N ILE A 98 22.85 4.25 -9.23
CA ILE A 98 22.22 5.31 -10.01
C ILE A 98 20.79 5.57 -9.57
N GLY A 99 20.27 6.69 -10.05
CA GLY A 99 18.84 6.94 -10.00
C GLY A 99 18.40 7.95 -8.99
N THR A 100 17.09 7.90 -8.74
CA THR A 100 16.42 8.73 -7.78
C THR A 100 16.69 8.23 -6.36
N LEU A 101 17.63 8.88 -5.68
CA LEU A 101 17.89 8.55 -4.29
C LEU A 101 17.42 9.68 -3.38
N TRP A 102 17.60 9.52 -2.06
CA TRP A 102 17.28 10.66 -1.22
C TRP A 102 18.12 10.61 0.04
N TYR A 103 18.01 11.64 0.88
CA TYR A 103 18.82 11.60 2.11
C TYR A 103 17.93 12.06 3.24
N HIS A 104 18.14 11.65 4.50
CA HIS A 104 17.28 12.05 5.58
C HIS A 104 17.98 11.78 6.92
N CYS A 105 17.51 12.46 7.95
CA CYS A 105 18.16 12.17 9.25
C CYS A 105 17.84 10.75 9.64
N HIS A 106 18.66 10.09 10.46
CA HIS A 106 18.34 8.75 10.94
C HIS A 106 18.35 8.69 12.48
N VAL A 107 18.18 9.82 13.14
CA VAL A 107 18.00 9.92 14.57
C VAL A 107 16.51 10.24 14.85
N ASN A 108 15.87 9.57 15.80
CA ASN A 108 14.50 9.92 16.21
C ASN A 108 13.61 10.06 14.97
N VAL A 109 13.78 9.11 14.05
CA VAL A 109 13.20 9.26 12.71
C VAL A 109 11.69 9.44 12.68
N ASN A 110 10.95 8.80 13.58
CA ASN A 110 9.49 8.93 13.58
C ASN A 110 9.14 10.41 13.65
N GLU A 111 9.95 11.18 14.40
CA GLU A 111 9.65 12.60 14.51
C GLU A 111 10.42 13.40 13.47
N HIS A 112 11.73 13.17 13.41
CA HIS A 112 12.57 14.05 12.55
C HIS A 112 12.23 13.88 11.08
N VAL A 113 12.02 12.63 10.65
CA VAL A 113 11.68 12.44 9.23
C VAL A 113 10.17 12.57 9.12
N GLY A 114 9.43 12.12 10.12
CA GLY A 114 7.98 12.13 10.00
C GLY A 114 7.36 13.51 9.97
N VAL A 115 7.85 14.43 10.84
CA VAL A 115 7.19 15.74 10.87
C VAL A 115 8.20 16.89 10.92
N ARG A 116 9.53 16.67 10.90
CA ARG A 116 10.43 17.83 11.04
C ARG A 116 11.19 18.13 9.74
N GLY A 117 10.74 17.52 8.64
CA GLY A 117 11.22 17.87 7.33
C GLY A 117 12.66 17.57 7.04
N MET A 118 13.27 16.61 7.76
CA MET A 118 14.69 16.30 7.59
C MET A 118 14.96 15.36 6.44
N TRP A 119 14.75 15.89 5.22
CA TRP A 119 14.95 15.03 4.06
C TRP A 119 15.10 15.87 2.79
N GLY A 120 15.75 15.31 1.78
CA GLY A 120 15.89 16.00 0.52
C GLY A 120 16.28 14.99 -0.56
N PRO A 121 16.28 15.40 -1.83
CA PRO A 121 16.53 14.50 -2.95
C PRO A 121 17.99 14.42 -3.35
N LEU A 122 18.41 13.24 -3.76
CA LEU A 122 19.76 12.95 -4.20
C LEU A 122 19.64 12.25 -5.55
N ILE A 123 19.95 12.96 -6.63
CA ILE A 123 19.79 12.44 -7.96
C ILE A 123 21.13 12.07 -8.55
N VAL A 124 21.27 10.79 -8.91
CA VAL A 124 22.52 10.31 -9.47
C VAL A 124 22.27 10.02 -10.94
N ASP A 125 22.87 10.79 -11.86
CA ASP A 125 22.60 10.50 -13.26
C ASP A 125 23.32 9.26 -13.76
N PRO A 126 22.64 8.33 -14.40
CA PRO A 126 23.38 7.18 -14.94
C PRO A 126 24.30 7.58 -16.10
N LYS A 127 25.43 6.92 -16.24
CA LYS A 127 26.23 7.14 -17.45
C LYS A 127 25.43 6.66 -18.66
N GLN A 128 24.63 5.62 -18.54
CA GLN A 128 23.79 5.13 -19.63
C GLN A 128 22.28 5.14 -19.30
N PRO A 129 21.70 6.30 -19.54
CA PRO A 129 20.28 6.55 -19.28
C PRO A 129 19.38 5.78 -20.23
N LEU A 130 18.11 5.53 -19.89
CA LEU A 130 17.24 4.84 -20.84
C LEU A 130 17.06 5.73 -22.05
N PRO A 131 16.85 5.16 -23.23
CA PRO A 131 16.42 5.98 -24.37
C PRO A 131 15.31 6.96 -24.03
N ILE A 132 14.26 6.57 -23.30
CA ILE A 132 13.17 7.50 -23.03
C ILE A 132 13.61 8.70 -22.19
N GLU A 133 14.50 8.38 -21.25
CA GLU A 133 15.05 9.46 -20.40
C GLU A 133 15.69 10.52 -21.29
N LYS A 134 16.21 10.16 -22.45
CA LYS A 134 16.83 11.20 -23.29
C LYS A 134 15.82 12.10 -23.98
N ARG A 135 14.54 11.74 -23.96
CA ARG A 135 13.54 12.56 -24.66
C ARG A 135 12.98 13.63 -23.73
N VAL A 136 13.27 13.44 -22.45
CA VAL A 136 12.69 14.25 -21.41
C VAL A 136 13.02 15.74 -21.55
N THR A 137 12.01 16.58 -21.40
CA THR A 137 12.25 18.04 -21.47
C THR A 137 11.98 18.71 -20.15
N LYS A 138 11.50 17.96 -19.15
CA LYS A 138 11.21 18.58 -17.88
C LYS A 138 11.27 17.48 -16.80
N ASP A 139 12.03 17.73 -15.77
CA ASP A 139 12.29 16.77 -14.68
C ASP A 139 11.66 17.38 -13.44
N VAL A 140 10.90 16.61 -12.66
CA VAL A 140 10.03 17.05 -11.62
C VAL A 140 10.20 16.20 -10.37
N ILE A 141 10.47 16.81 -9.23
CA ILE A 141 10.56 16.05 -7.98
C ILE A 141 9.35 16.30 -7.12
N MET A 142 8.69 15.24 -6.63
CA MET A 142 7.53 15.37 -5.76
C MET A 142 7.74 14.54 -4.50
N MET A 143 7.99 15.22 -3.38
CA MET A 143 8.30 14.51 -2.13
C MET A 143 7.11 14.66 -1.22
N MET A 144 6.43 13.55 -0.95
CA MET A 144 5.20 13.60 -0.17
C MET A 144 5.44 13.35 1.32
N SER A 145 4.72 14.09 2.15
CA SER A 145 4.82 13.83 3.59
C SER A 145 3.55 14.26 4.28
N THR A 146 3.53 13.99 5.59
CA THR A 146 2.34 14.36 6.37
C THR A 146 2.74 15.13 7.62
N TRP A 147 1.80 15.82 8.26
CA TRP A 147 2.07 16.72 9.37
C TRP A 147 1.03 16.53 10.47
N GLU A 148 1.46 16.64 11.70
CA GLU A 148 0.60 16.53 12.87
C GLU A 148 0.46 17.90 13.52
N SER A 149 -0.66 18.60 13.33
CA SER A 149 -0.70 19.98 13.81
C SER A 149 -0.51 20.10 15.31
N ALA A 150 -0.87 19.09 16.11
CA ALA A 150 -0.74 19.29 17.55
C ALA A 150 0.70 19.49 17.99
N VAL A 151 1.67 19.07 17.18
CA VAL A 151 3.06 19.25 17.62
C VAL A 151 3.84 20.22 16.72
N ALA A 152 3.10 21.06 16.02
CA ALA A 152 3.78 21.99 15.12
C ALA A 152 4.80 22.87 15.81
N ASP A 153 4.50 23.25 17.06
CA ASP A 153 5.39 24.23 17.69
C ASP A 153 6.32 23.62 18.72
N LYS A 154 6.43 22.29 18.76
CA LYS A 154 7.19 21.70 19.85
C LYS A 154 8.10 20.57 19.41
N TYR A 155 9.36 20.95 19.17
CA TYR A 155 10.38 19.95 18.93
C TYR A 155 10.35 18.93 20.08
N GLY A 156 10.64 17.68 19.82
CA GLY A 156 10.71 16.62 20.82
C GLY A 156 9.48 15.76 20.92
N GLU A 157 8.43 16.06 20.14
CA GLU A 157 7.19 15.30 20.21
C GLU A 157 6.69 14.97 18.80
N GLY A 158 5.85 13.96 18.62
CA GLY A 158 5.26 13.66 17.33
C GLY A 158 5.71 12.38 16.67
N GLY A 159 5.02 12.02 15.60
CA GLY A 159 5.41 10.87 14.81
C GLY A 159 5.12 9.52 15.45
N THR A 160 4.17 9.46 16.35
CA THR A 160 3.73 8.19 16.95
C THR A 160 2.32 7.80 16.52
N PRO A 161 1.95 6.52 16.67
CA PRO A 161 0.60 6.06 16.42
C PRO A 161 -0.46 6.84 17.17
N MET A 162 -0.10 7.43 18.31
CA MET A 162 -0.98 8.23 19.16
CA MET A 162 -1.18 8.14 19.03
C MET A 162 -1.30 9.60 18.61
N ASN A 163 -0.45 10.11 17.72
CA ASN A 163 -0.64 11.45 17.15
C ASN A 163 -1.64 11.39 16.01
N VAL A 164 -2.13 12.53 15.53
CA VAL A 164 -3.01 12.56 14.37
C VAL A 164 -2.43 13.39 13.23
N ALA A 165 -2.18 12.77 12.08
CA ALA A 165 -1.65 13.46 10.88
C ALA A 165 -2.86 14.10 10.21
N ASP A 166 -2.93 15.43 10.23
CA ASP A 166 -4.14 16.07 9.77
C ASP A 166 -3.82 17.06 8.65
N TYR A 167 -2.55 17.20 8.29
CA TYR A 167 -2.22 17.96 7.08
C TYR A 167 -1.25 17.13 6.23
N PHE A 168 -1.30 17.33 4.93
CA PHE A 168 -0.63 16.53 3.91
C PHE A 168 0.01 17.41 2.83
N SER A 169 1.13 17.00 2.26
CA SER A 169 1.77 17.92 1.33
C SER A 169 2.55 17.23 0.25
N VAL A 170 2.87 18.03 -0.78
CA VAL A 170 3.94 17.72 -1.70
C VAL A 170 4.99 18.84 -1.57
N ASN A 171 6.24 18.48 -1.45
CA ASN A 171 7.36 19.40 -1.23
C ASN A 171 7.03 20.40 -0.14
N ALA A 172 6.49 19.90 0.97
CA ALA A 172 6.16 20.62 2.20
C ALA A 172 5.11 21.72 2.07
N LYS A 173 4.29 21.70 1.00
CA LYS A 173 3.15 22.61 0.99
CA LYS A 173 3.16 22.61 0.97
C LYS A 173 1.86 21.84 0.70
N SER A 174 0.81 22.37 1.29
CA SER A 174 -0.56 21.89 1.14
C SER A 174 -1.37 22.80 0.22
N PHE A 175 -2.08 22.25 -0.75
CA PHE A 175 -2.93 23.04 -1.62
C PHE A 175 -3.81 23.97 -0.80
N PRO A 176 -4.00 25.25 -1.14
CA PRO A 176 -3.56 25.90 -2.37
C PRO A 176 -2.16 26.51 -2.42
N LEU A 177 -1.37 26.24 -1.38
CA LEU A 177 -0.02 26.79 -1.32
C LEU A 177 0.99 26.01 -2.13
N THR A 178 0.58 24.91 -2.75
CA THR A 178 1.44 24.24 -3.72
C THR A 178 1.51 25.08 -4.99
N GLN A 179 2.19 24.63 -6.04
CA GLN A 179 2.35 25.37 -7.29
C GLN A 179 1.99 24.45 -8.45
N PRO A 180 1.51 25.02 -9.53
CA PRO A 180 1.19 24.21 -10.70
C PRO A 180 2.44 23.69 -11.38
N LEU A 181 2.25 22.62 -12.14
CA LEU A 181 3.25 21.99 -13.00
CA LEU A 181 3.24 21.98 -12.99
C LEU A 181 2.94 22.48 -14.41
N ARG A 182 3.75 23.45 -14.87
CA ARG A 182 3.43 24.10 -16.15
C ARG A 182 4.18 23.42 -17.28
N VAL A 183 3.41 23.05 -18.31
CA VAL A 183 3.99 22.36 -19.45
C VAL A 183 3.49 23.04 -20.73
N LYS A 184 4.08 22.59 -21.83
CA LYS A 184 3.48 22.94 -23.13
C LYS A 184 3.38 21.68 -23.96
N LYS A 185 2.48 21.72 -24.96
CA LYS A 185 2.26 20.52 -25.76
C LYS A 185 3.55 20.03 -26.37
N GLY A 186 3.82 18.72 -26.30
CA GLY A 186 5.06 18.16 -26.83
C GLY A 186 6.09 17.93 -25.72
N ASP A 187 5.88 18.54 -24.54
CA ASP A 187 6.81 18.25 -23.43
C ASP A 187 6.81 16.76 -23.11
N VAL A 188 7.94 16.28 -22.61
CA VAL A 188 8.09 14.90 -22.11
C VAL A 188 8.53 15.04 -20.66
N VAL A 189 7.65 14.66 -19.76
CA VAL A 189 7.85 15.03 -18.35
C VAL A 189 8.27 13.81 -17.51
N LYS A 190 9.42 13.90 -16.84
CA LYS A 190 9.83 12.83 -15.92
C LYS A 190 9.38 13.26 -14.54
N ILE A 191 8.59 12.49 -13.82
CA ILE A 191 8.22 12.82 -12.46
C ILE A 191 8.80 11.75 -11.53
N ARG A 192 9.45 12.27 -10.49
CA ARG A 192 10.06 11.36 -9.50
C ARG A 192 9.28 11.51 -8.21
N PHE A 193 8.58 10.46 -7.79
CA PHE A 193 7.79 10.45 -6.58
C PHE A 193 8.62 9.89 -5.40
N PHE A 194 8.51 10.56 -4.27
CA PHE A 194 9.19 10.09 -3.07
C PHE A 194 8.23 9.97 -1.89
N GLY A 195 8.29 8.81 -1.22
CA GLY A 195 7.54 8.67 0.04
C GLY A 195 8.45 9.14 1.19
N ALA A 196 8.50 10.46 1.35
CA ALA A 196 9.47 11.01 2.29
C ALA A 196 8.96 10.88 3.72
N GLY A 197 7.68 11.07 3.99
CA GLY A 197 7.10 10.97 5.32
C GLY A 197 6.57 9.55 5.61
N GLY A 198 5.65 9.53 6.58
CA GLY A 198 5.13 8.30 7.15
C GLY A 198 3.83 7.83 6.51
N GLY A 199 3.32 8.55 5.53
CA GLY A 199 2.02 8.22 4.92
C GLY A 199 2.14 7.44 3.62
N ILE A 200 1.00 6.96 3.13
CA ILE A 200 0.95 6.33 1.80
CA ILE A 200 0.94 6.33 1.81
C ILE A 200 0.15 7.26 0.89
N HIS A 201 0.59 7.44 -0.33
CA HIS A 201 0.01 8.44 -1.22
C HIS A 201 -0.31 7.81 -2.56
N ALA A 202 -1.54 7.99 -3.05
CA ALA A 202 -1.91 7.35 -4.30
C ALA A 202 -1.93 8.41 -5.39
N MET A 203 -0.81 8.58 -6.09
CA MET A 203 -0.72 9.79 -6.92
C MET A 203 -1.40 9.58 -8.27
N HIS A 204 -2.41 10.39 -8.56
CA HIS A 204 -3.21 10.23 -9.77
C HIS A 204 -3.11 11.47 -10.69
N SER A 205 -2.76 11.22 -11.92
CA SER A 205 -2.72 12.27 -12.94
C SER A 205 -4.00 12.33 -13.78
N HIS A 206 -4.78 13.41 -13.66
CA HIS A 206 -5.88 13.51 -14.64
C HIS A 206 -5.32 13.74 -16.03
N GLY A 207 -6.09 13.34 -17.04
CA GLY A 207 -5.81 13.64 -18.43
C GLY A 207 -4.72 12.88 -19.12
N HIS A 208 -3.97 12.05 -18.39
CA HIS A 208 -2.77 11.39 -18.84
C HIS A 208 -2.56 10.05 -18.13
N ASP A 209 -1.95 9.13 -18.85
CA ASP A 209 -1.38 7.97 -18.15
C ASP A 209 0.09 8.24 -17.86
N MET A 210 0.62 7.59 -16.84
CA MET A 210 2.03 7.64 -16.49
C MET A 210 2.67 6.32 -16.90
N LEU A 211 3.83 6.40 -17.53
CA LEU A 211 4.60 5.18 -17.80
C LEU A 211 5.58 5.05 -16.64
N VAL A 212 5.39 4.01 -15.83
CA VAL A 212 6.26 3.79 -14.67
C VAL A 212 7.52 3.11 -15.16
N THR A 213 8.65 3.82 -15.08
CA THR A 213 9.88 3.30 -15.62
C THR A 213 10.94 2.89 -14.60
N HIS A 214 10.86 3.40 -13.37
CA HIS A 214 11.90 3.08 -12.39
C HIS A 214 11.28 2.89 -10.99
N LYS A 215 11.80 1.90 -10.31
CA LYS A 215 11.44 1.64 -8.92
C LYS A 215 12.71 1.83 -8.05
N ASP A 216 12.59 2.70 -7.06
CA ASP A 216 13.72 3.06 -6.19
C ASP A 216 14.96 3.45 -6.97
N GLY A 217 14.74 4.13 -8.10
CA GLY A 217 15.81 4.65 -8.94
C GLY A 217 16.35 3.69 -9.96
N LEU A 218 15.98 2.40 -9.93
CA LEU A 218 16.55 1.46 -10.89
C LEU A 218 15.53 1.13 -11.97
N PRO A 219 15.95 1.05 -13.23
CA PRO A 219 15.00 0.93 -14.35
C PRO A 219 14.33 -0.45 -14.40
N LEU A 220 13.01 -0.42 -14.57
CA LEU A 220 12.29 -1.70 -14.68
C LEU A 220 12.50 -2.37 -16.03
N ASP A 221 12.68 -3.69 -16.03
CA ASP A 221 12.76 -4.40 -17.31
C ASP A 221 11.37 -4.37 -17.97
N SER A 222 10.34 -4.34 -17.14
CA SER A 222 8.99 -4.29 -17.69
CA SER A 222 8.97 -4.32 -17.67
C SER A 222 8.21 -3.09 -17.18
N PRO A 223 8.46 -1.94 -17.81
CA PRO A 223 7.70 -0.75 -17.41
C PRO A 223 6.22 -0.94 -17.70
N TYR A 224 5.40 -0.19 -16.97
CA TYR A 224 3.96 -0.35 -17.11
C TYR A 224 3.27 0.99 -16.93
N TYR A 225 2.15 1.10 -17.65
CA TYR A 225 1.34 2.29 -17.47
C TYR A 225 0.43 2.23 -16.26
N ALA A 226 0.17 3.40 -15.71
CA ALA A 226 -0.71 3.58 -14.58
C ALA A 226 -1.35 4.97 -14.64
N ASP A 227 -2.55 5.09 -14.09
CA ASP A 227 -3.05 6.45 -13.85
C ASP A 227 -3.01 6.81 -12.38
N THR A 228 -2.72 5.82 -11.51
CA THR A 228 -2.62 6.04 -10.06
C THR A 228 -1.43 5.24 -9.53
N VAL A 229 -0.43 5.88 -8.93
CA VAL A 229 0.78 5.19 -8.50
C VAL A 229 0.86 5.31 -7.00
N LEU A 230 0.85 4.18 -6.29
CA LEU A 230 0.92 4.17 -4.85
C LEU A 230 2.38 4.33 -4.37
N VAL A 231 2.56 5.34 -3.53
CA VAL A 231 3.90 5.62 -3.01
C VAL A 231 3.91 5.51 -1.49
N SER A 232 4.75 4.66 -0.93
CA SER A 232 4.76 4.37 0.50
CA SER A 232 4.75 4.40 0.50
C SER A 232 6.11 4.78 1.08
N PRO A 233 6.21 4.89 2.39
CA PRO A 233 7.46 5.44 2.98
C PRO A 233 8.72 4.74 2.51
N GLY A 234 9.68 5.60 2.10
CA GLY A 234 10.95 5.10 1.65
C GLY A 234 11.09 4.91 0.16
N GLU A 235 9.96 4.64 -0.51
CA GLU A 235 10.02 4.28 -1.91
C GLU A 235 10.19 5.47 -2.86
N ARG A 236 10.72 5.22 -4.05
CA ARG A 236 10.60 6.20 -5.13
C ARG A 236 10.06 5.48 -6.37
N TYR A 237 9.28 6.22 -7.14
CA TYR A 237 8.88 5.79 -8.47
C TYR A 237 9.21 6.90 -9.48
N ASP A 238 9.81 6.56 -10.60
CA ASP A 238 9.99 7.52 -11.68
C ASP A 238 8.94 7.19 -12.75
N VAL A 239 8.27 8.22 -13.27
CA VAL A 239 7.35 7.95 -14.39
C VAL A 239 7.61 8.95 -15.53
N ILE A 240 7.02 8.65 -16.67
CA ILE A 240 7.05 9.57 -17.81
C ILE A 240 5.62 9.95 -18.16
N ILE A 241 5.35 11.22 -18.32
CA ILE A 241 4.10 11.67 -18.92
C ILE A 241 4.35 12.34 -20.26
N GLU A 242 3.71 11.91 -21.35
CA GLU A 242 3.80 12.65 -22.61
C GLU A 242 2.79 13.78 -22.55
N ALA A 243 3.23 15.04 -22.62
CA ALA A 243 2.26 16.12 -22.49
C ALA A 243 1.66 16.45 -23.84
N ASP A 244 0.70 15.59 -24.22
CA ASP A 244 0.17 15.73 -25.59
C ASP A 244 -1.33 15.99 -25.53
N ASN A 245 -1.82 16.52 -24.42
CA ASN A 245 -3.25 16.68 -24.25
C ASN A 245 -3.58 17.98 -23.55
N PRO A 246 -3.55 19.10 -24.28
CA PRO A 246 -3.70 20.40 -23.56
C PRO A 246 -5.01 20.57 -22.82
N GLY A 247 -4.88 21.01 -21.58
CA GLY A 247 -5.98 21.32 -20.70
C GLY A 247 -5.43 21.84 -19.37
N ARG A 248 -6.25 21.89 -18.35
CA ARG A 248 -5.86 22.08 -16.98
C ARG A 248 -6.25 20.77 -16.25
N PHE A 249 -5.22 20.01 -15.90
CA PHE A 249 -5.47 18.66 -15.39
C PHE A 249 -4.88 18.48 -14.00
N ILE A 250 -5.79 18.33 -13.03
CA ILE A 250 -5.35 18.21 -11.63
C ILE A 250 -4.57 16.91 -11.46
N PHE A 251 -3.66 16.90 -10.49
CA PHE A 251 -2.70 15.78 -10.34
C PHE A 251 -2.61 15.68 -8.83
N HIS A 252 -3.02 14.58 -8.18
CA HIS A 252 -3.15 14.69 -6.73
C HIS A 252 -3.11 13.31 -6.07
N ASP A 253 -2.90 13.30 -4.77
CA ASP A 253 -3.04 12.13 -3.90
C ASP A 253 -4.50 11.73 -3.88
N HIS A 254 -4.81 10.50 -4.26
CA HIS A 254 -6.22 10.09 -4.33
C HIS A 254 -6.72 9.52 -3.02
N VAL A 255 -5.89 9.48 -1.98
CA VAL A 255 -6.35 8.97 -0.67
C VAL A 255 -7.28 10.01 -0.10
N ASP A 256 -8.55 9.68 0.05
CA ASP A 256 -9.59 10.64 0.35
C ASP A 256 -9.27 11.54 1.53
N THR A 257 -8.81 11.05 2.68
CA THR A 257 -8.55 11.93 3.82
C THR A 257 -7.33 12.84 3.62
N HIS A 258 -6.52 12.55 2.60
CA HIS A 258 -5.32 13.34 2.34
C HIS A 258 -5.59 14.61 1.56
N VAL A 259 -6.79 14.74 0.99
CA VAL A 259 -7.06 16.02 0.32
C VAL A 259 -7.90 16.92 1.24
N THR A 260 -7.43 17.01 2.48
CA THR A 260 -8.00 17.83 3.53
C THR A 260 -6.84 18.59 4.20
N ALA A 261 -7.22 19.60 4.98
CA ALA A 261 -6.23 20.38 5.72
C ALA A 261 -6.86 20.75 7.05
N GLY A 262 -6.41 20.15 8.13
CA GLY A 262 -7.04 20.47 9.42
C GLY A 262 -8.53 20.15 9.43
N GLY A 263 -8.90 19.11 8.68
CA GLY A 263 -10.31 18.73 8.62
C GLY A 263 -11.09 19.46 7.55
N LYS A 264 -10.50 20.42 6.83
CA LYS A 264 -11.19 21.11 5.75
C LYS A 264 -10.67 20.74 4.36
N HIS A 265 -11.53 20.87 3.35
CA HIS A 265 -11.20 20.53 1.97
C HIS A 265 -11.47 21.77 1.13
N PRO A 266 -10.68 22.01 0.10
CA PRO A 266 -9.58 21.17 -0.32
C PRO A 266 -8.27 21.60 0.33
N GLY A 267 -7.33 20.65 0.29
CA GLY A 267 -6.00 20.87 0.80
C GLY A 267 -5.18 19.64 0.40
N GLY A 268 -3.92 19.61 0.80
CA GLY A 268 -3.17 18.38 0.66
C GLY A 268 -2.33 18.38 -0.59
N PRO A 269 -1.82 17.21 -0.99
CA PRO A 269 -0.88 17.13 -2.11
C PRO A 269 -1.65 17.19 -3.42
N ILE A 270 -1.94 18.41 -3.85
CA ILE A 270 -2.61 18.66 -5.10
C ILE A 270 -1.83 19.65 -5.95
N THR A 271 -1.61 19.36 -7.21
CA THR A 271 -1.12 20.36 -8.16
C THR A 271 -2.03 20.32 -9.39
N VAL A 272 -1.75 21.13 -10.40
CA VAL A 272 -2.48 21.13 -11.66
C VAL A 272 -1.46 21.12 -12.78
N ILE A 273 -1.61 20.19 -13.71
CA ILE A 273 -0.82 20.20 -14.93
C ILE A 273 -1.47 21.27 -15.80
N GLU A 274 -0.76 22.40 -15.90
CA GLU A 274 -1.31 23.57 -16.63
C GLU A 274 -0.63 23.67 -17.97
N TYR A 275 -1.33 23.49 -19.08
CA TYR A 275 -0.69 23.66 -20.38
C TYR A 275 -0.71 25.14 -20.79
N ASP A 276 0.43 25.57 -21.30
CA ASP A 276 0.60 26.99 -21.61
C ASP A 276 -0.46 27.53 -22.56
N GLY A 277 -0.91 26.71 -23.52
CA GLY A 277 -1.77 27.23 -24.58
C GLY A 277 -3.21 27.38 -24.18
N VAL A 278 -3.60 26.96 -22.98
CA VAL A 278 -5.02 26.96 -22.63
C VAL A 278 -5.44 28.29 -22.03
N PRO A 279 -6.42 28.98 -22.61
CA PRO A 279 -6.85 30.25 -22.03
C PRO A 279 -7.36 30.11 -20.62
N VAL A 280 -7.05 31.06 -19.74
CA VAL A 280 -7.44 31.01 -18.33
C VAL A 280 -8.83 31.57 -18.07
N ASP A 281 -9.66 30.79 -17.39
CA ASP A 281 -11.01 31.24 -17.08
C ASP A 281 -10.96 32.09 -15.82
N ASP A 282 -11.86 33.07 -15.66
CA ASP A 282 -11.88 33.89 -14.46
C ASP A 282 -12.14 33.10 -13.18
N TRP A 283 -12.76 31.91 -13.30
CA TRP A 283 -13.10 31.18 -12.08
C TRP A 283 -12.03 30.15 -11.73
N TYR A 284 -11.01 30.10 -12.59
CA TYR A 284 -9.95 29.12 -12.30
C TYR A 284 -9.31 29.40 -10.95
N VAL A 285 -9.19 28.38 -10.10
CA VAL A 285 -8.67 28.61 -8.77
C VAL A 285 -7.29 29.28 -8.73
N TRP A 286 -6.44 28.98 -9.70
CA TRP A 286 -5.07 29.50 -9.65
C TRP A 286 -4.81 30.59 -10.68
N LYS A 287 -5.86 31.32 -11.05
CA LYS A 287 -5.66 32.45 -11.98
C LYS A 287 -4.72 33.45 -11.32
N ASP A 288 -3.78 34.07 -12.03
CA ASP A 288 -2.92 35.01 -11.26
C ASP A 288 -2.14 34.40 -10.09
N LYS A 289 -1.90 33.11 -10.05
CA LYS A 289 -1.01 32.54 -9.03
C LYS A 289 0.34 33.24 -8.98
N ASP A 290 0.86 33.54 -7.81
CA ASP A 290 2.25 33.98 -7.68
C ASP A 290 3.15 32.76 -7.86
N TYR A 291 3.66 32.57 -9.05
CA TYR A 291 4.24 31.34 -9.53
C TYR A 291 5.71 31.14 -9.21
N ASP A 292 6.02 29.93 -8.76
CA ASP A 292 7.38 29.47 -8.54
C ASP A 292 7.73 28.37 -9.54
N PRO A 293 8.53 28.65 -10.58
CA PRO A 293 8.87 27.65 -11.57
C PRO A 293 9.78 26.55 -11.02
N ASN A 294 10.30 26.75 -9.82
CA ASN A 294 11.20 25.71 -9.28
C ASN A 294 10.60 24.92 -8.12
N PHE A 295 9.30 24.94 -7.97
CA PHE A 295 8.63 24.28 -6.86
C PHE A 295 8.88 22.76 -6.90
N PHE A 296 9.14 22.23 -8.08
CA PHE A 296 9.46 20.80 -8.19
C PHE A 296 10.90 20.58 -8.58
N TYR A 297 11.75 21.58 -8.26
CA TYR A 297 13.18 21.56 -8.57
C TYR A 297 13.48 21.45 -10.06
N SER A 298 12.46 21.74 -10.93
CA SER A 298 12.74 21.54 -12.35
C SER A 298 13.76 22.50 -12.96
N GLU A 299 13.90 23.68 -12.37
CA GLU A 299 14.92 24.59 -12.93
C GLU A 299 16.29 24.16 -12.38
N SER A 300 16.37 23.91 -11.09
CA SER A 300 17.65 23.42 -10.56
C SER A 300 18.18 22.17 -11.25
N LEU A 301 17.25 21.26 -11.64
CA LEU A 301 17.67 20.03 -12.26
C LEU A 301 18.31 20.20 -13.63
N LYS A 302 18.14 21.39 -14.21
CA LYS A 302 18.74 21.73 -15.50
C LYS A 302 20.07 22.45 -15.32
N GLN A 303 20.44 22.77 -14.08
CA GLN A 303 21.57 23.70 -13.95
C GLN A 303 22.93 23.06 -13.71
N GLY A 304 23.09 21.79 -14.03
CA GLY A 304 24.36 21.08 -13.90
C GLY A 304 24.55 20.39 -12.56
N TYR A 305 25.66 19.66 -12.41
CA TYR A 305 25.87 18.90 -11.17
C TYR A 305 26.22 19.85 -10.03
N GLY A 306 25.87 19.46 -8.82
CA GLY A 306 26.11 20.31 -7.68
C GLY A 306 25.04 20.23 -6.63
N MET A 307 25.02 21.17 -5.70
CA MET A 307 24.02 21.20 -4.64
C MET A 307 23.26 22.53 -4.74
N PHE A 308 21.92 22.45 -4.72
CA PHE A 308 21.11 23.61 -5.01
C PHE A 308 20.11 23.88 -3.93
N ASP A 309 20.18 25.05 -3.33
CA ASP A 309 19.17 25.54 -2.43
C ASP A 309 17.98 26.11 -3.23
N HIS A 310 16.87 26.32 -2.53
CA HIS A 310 15.78 26.98 -3.22
C HIS A 310 15.02 27.83 -2.22
N ASP A 311 14.93 29.15 -2.51
CA ASP A 311 14.32 29.97 -1.49
C ASP A 311 12.82 29.75 -1.36
N GLY A 312 12.19 29.11 -2.36
CA GLY A 312 10.74 28.87 -2.13
C GLY A 312 10.51 27.82 -1.06
N PHE A 313 11.57 27.11 -0.66
CA PHE A 313 11.45 26.10 0.37
C PHE A 313 12.02 26.57 1.70
N LYS A 314 12.53 27.81 1.75
CA LYS A 314 13.20 28.24 2.97
C LYS A 314 12.24 28.62 4.08
N GLY A 315 12.61 28.30 5.34
CA GLY A 315 11.73 28.74 6.43
C GLY A 315 12.37 29.94 7.13
N GLU A 316 11.72 30.38 8.18
CA GLU A 316 12.10 31.56 8.97
C GLU A 316 12.87 31.18 10.22
N PHE A 317 14.03 31.79 10.44
CA PHE A 317 14.76 31.62 11.69
C PHE A 317 14.07 32.30 12.87
N GLU A 318 14.28 31.89 14.10
CA GLU A 318 13.69 32.60 15.24
C GLU A 318 14.30 34.00 15.34
N ALA B 2 5.95 -37.37 -0.81
CA ALA B 2 5.90 -38.18 0.41
C ALA B 2 4.83 -37.67 1.37
N GLU B 3 4.37 -38.54 2.27
CA GLU B 3 3.39 -38.13 3.26
C GLU B 3 4.10 -37.53 4.47
N ARG B 4 3.62 -36.38 4.89
CA ARG B 4 4.19 -35.69 6.04
C ARG B 4 3.11 -35.44 7.09
N GLU B 5 3.19 -36.16 8.20
CA GLU B 5 2.16 -36.01 9.23
C GLU B 5 2.75 -35.48 10.52
N PHE B 6 2.02 -34.52 11.09
CA PHE B 6 2.49 -34.03 12.38
C PHE B 6 1.30 -33.53 13.17
N ASP B 7 1.66 -33.26 14.43
CA ASP B 7 0.71 -32.88 15.44
C ASP B 7 0.97 -31.45 15.90
N MET B 8 -0.10 -30.67 15.86
CA MET B 8 -0.07 -29.29 16.30
CA MET B 8 -0.06 -29.29 16.32
C MET B 8 -1.07 -29.08 17.44
N THR B 9 -0.75 -28.23 18.40
CA THR B 9 -1.69 -27.84 19.44
C THR B 9 -1.82 -26.30 19.37
N ILE B 10 -2.83 -25.86 20.08
CA ILE B 10 -3.12 -24.45 20.27
C ILE B 10 -3.12 -24.20 21.77
N GLU B 11 -2.31 -23.26 22.23
CA GLU B 11 -2.07 -23.11 23.66
C GLU B 11 -2.23 -21.67 24.10
N GLU B 12 -2.71 -21.46 25.31
CA GLU B 12 -2.75 -20.10 25.88
C GLU B 12 -1.40 -19.83 26.53
N VAL B 13 -0.62 -18.92 25.94
CA VAL B 13 0.65 -18.62 26.56
C VAL B 13 0.90 -17.12 26.50
N THR B 14 1.95 -16.70 27.20
CA THR B 14 2.36 -15.29 27.19
C THR B 14 3.76 -15.12 26.62
N ILE B 15 3.91 -14.13 25.73
CA ILE B 15 5.21 -13.93 25.12
C ILE B 15 5.70 -12.51 25.44
N LYS B 16 7.02 -12.30 25.30
CA LYS B 16 7.48 -10.93 25.47
C LYS B 16 7.69 -10.28 24.10
N VAL B 17 6.91 -9.25 23.81
CA VAL B 17 7.06 -8.61 22.50
C VAL B 17 8.07 -7.48 22.53
N ALA B 18 8.06 -6.74 23.62
CA ALA B 18 9.00 -5.62 23.76
C ALA B 18 9.40 -5.52 25.23
N PRO B 19 10.49 -4.86 25.56
CA PRO B 19 10.73 -4.57 26.98
C PRO B 19 9.50 -3.88 27.55
N GLY B 20 8.96 -4.52 28.60
CA GLY B 20 7.79 -4.01 29.26
C GLY B 20 6.46 -4.46 28.68
N LEU B 21 6.48 -5.20 27.57
CA LEU B 21 5.18 -5.63 27.04
C LEU B 21 5.19 -7.15 26.87
N ASP B 22 4.49 -7.77 27.82
CA ASP B 22 4.13 -9.17 27.79
C ASP B 22 2.73 -9.22 27.15
N TYR B 23 2.50 -10.22 26.31
CA TYR B 23 1.28 -10.29 25.51
C TYR B 23 0.71 -11.71 25.55
N LYS B 24 -0.59 -11.77 25.88
CA LYS B 24 -1.33 -13.05 25.88
C LYS B 24 -1.64 -13.44 24.44
N VAL B 25 -1.23 -14.64 24.05
CA VAL B 25 -1.43 -15.04 22.64
C VAL B 25 -2.01 -16.46 22.62
N PHE B 26 -2.43 -16.89 21.44
CA PHE B 26 -2.88 -18.27 21.25
C PHE B 26 -1.85 -18.91 20.34
N GLY B 27 -0.80 -19.48 20.92
CA GLY B 27 0.32 -19.90 20.11
C GLY B 27 0.18 -21.32 19.61
N PHE B 28 0.40 -21.50 18.32
CA PHE B 28 0.52 -22.87 17.79
C PHE B 28 1.74 -23.51 18.44
N ASN B 29 1.52 -24.69 19.05
CA ASN B 29 2.59 -25.35 19.83
C ASN B 29 3.17 -24.41 20.87
N GLY B 30 2.35 -23.50 21.37
CA GLY B 30 2.74 -22.57 22.41
C GLY B 30 3.83 -21.61 22.01
N GLN B 31 3.92 -21.28 20.71
CA GLN B 31 4.98 -20.36 20.30
C GLN B 31 4.46 -19.40 19.24
N VAL B 32 5.10 -18.24 19.14
CA VAL B 32 4.82 -17.20 18.15
C VAL B 32 6.15 -16.72 17.59
N PRO B 33 6.47 -16.77 16.29
CA PRO B 33 5.76 -17.42 15.20
C PRO B 33 5.42 -18.89 15.47
N GLY B 34 4.35 -19.38 14.87
CA GLY B 34 4.06 -20.82 15.01
C GLY B 34 5.19 -21.59 14.39
N PRO B 35 5.13 -22.92 14.55
CA PRO B 35 6.18 -23.78 14.02
C PRO B 35 6.37 -23.63 12.52
N LEU B 36 7.60 -23.76 12.05
CA LEU B 36 7.85 -23.81 10.62
C LEU B 36 7.38 -25.12 10.05
N ILE B 37 6.59 -25.10 8.98
CA ILE B 37 6.32 -26.34 8.23
C ILE B 37 7.08 -26.23 6.93
N HIS B 38 7.94 -27.18 6.62
CA HIS B 38 8.72 -27.14 5.39
C HIS B 38 8.50 -28.43 4.62
N VAL B 39 7.92 -28.38 3.44
CA VAL B 39 7.67 -29.59 2.67
C VAL B 39 8.13 -29.42 1.22
N GLN B 40 8.01 -30.49 0.43
CA GLN B 40 8.30 -30.45 -0.99
C GLN B 40 6.99 -30.40 -1.80
N GLU B 41 7.09 -29.72 -2.95
CA GLU B 41 6.03 -29.69 -3.94
C GLU B 41 5.46 -31.08 -4.18
N GLY B 42 4.16 -31.23 -3.98
CA GLY B 42 3.59 -32.56 -4.26
C GLY B 42 3.41 -33.38 -3.01
N ASP B 43 4.02 -33.01 -1.89
CA ASP B 43 3.83 -33.79 -0.66
C ASP B 43 2.39 -33.81 -0.19
N ASP B 44 1.99 -34.94 0.39
CA ASP B 44 0.71 -35.07 1.06
C ASP B 44 0.88 -34.73 2.53
N VAL B 45 0.15 -33.72 2.99
CA VAL B 45 0.32 -33.23 4.37
C VAL B 45 -0.89 -33.60 5.21
N ILE B 46 -0.65 -34.07 6.43
CA ILE B 46 -1.72 -34.36 7.37
C ILE B 46 -1.36 -33.63 8.66
N VAL B 47 -2.28 -32.77 9.12
CA VAL B 47 -1.99 -32.05 10.36
C VAL B 47 -3.05 -32.37 11.40
N ASN B 48 -2.67 -32.96 12.51
CA ASN B 48 -3.62 -33.26 13.58
C ASN B 48 -3.59 -32.14 14.61
N VAL B 49 -4.67 -31.40 14.73
CA VAL B 49 -4.74 -30.23 15.59
C VAL B 49 -5.57 -30.43 16.83
N THR B 50 -5.00 -30.10 18.00
CA THR B 50 -5.74 -30.08 19.24
C THR B 50 -5.79 -28.69 19.84
N ASN B 51 -6.99 -28.23 20.12
CA ASN B 51 -7.24 -26.94 20.72
C ASN B 51 -7.17 -27.00 22.23
N ASN B 52 -6.08 -26.60 22.86
CA ASN B 52 -5.98 -26.58 24.32
C ASN B 52 -6.21 -25.19 24.89
N THR B 53 -7.03 -24.41 24.18
CA THR B 53 -7.42 -23.10 24.69
C THR B 53 -8.90 -23.04 25.04
N SER B 54 -9.31 -21.90 25.56
CA SER B 54 -10.69 -21.77 26.02
C SER B 54 -11.59 -21.26 24.90
N LEU B 55 -11.06 -21.04 23.70
CA LEU B 55 -11.89 -20.49 22.63
C LEU B 55 -11.81 -21.33 21.35
N PRO B 56 -12.79 -21.25 20.45
CA PRO B 56 -12.67 -21.97 19.19
C PRO B 56 -11.70 -21.32 18.21
N HIS B 57 -11.06 -22.12 17.39
CA HIS B 57 -10.12 -21.76 16.35
C HIS B 57 -10.29 -22.65 15.12
N THR B 58 -9.57 -22.31 14.05
CA THR B 58 -9.33 -23.22 12.95
C THR B 58 -7.89 -22.99 12.45
N ILE B 59 -7.47 -23.72 11.44
CA ILE B 59 -6.24 -23.34 10.76
C ILE B 59 -6.55 -23.27 9.25
N HIS B 60 -6.32 -22.09 8.66
CA HIS B 60 -6.43 -21.91 7.21
C HIS B 60 -5.00 -21.94 6.65
N TRP B 61 -4.76 -22.56 5.52
CA TRP B 61 -3.45 -22.79 4.91
C TRP B 61 -3.38 -21.81 3.75
N HIS B 62 -2.79 -20.65 3.99
CA HIS B 62 -2.93 -19.53 3.02
C HIS B 62 -1.99 -19.75 1.86
N GLY B 63 -2.55 -19.86 0.65
CA GLY B 63 -1.74 -20.14 -0.54
C GLY B 63 -1.98 -21.57 -1.02
N VAL B 64 -2.46 -22.43 -0.11
CA VAL B 64 -2.73 -23.83 -0.45
C VAL B 64 -4.04 -23.90 -1.25
N HIS B 65 -4.02 -24.49 -2.44
CA HIS B 65 -5.24 -24.43 -3.26
C HIS B 65 -6.35 -25.30 -2.69
N GLN B 66 -5.98 -26.36 -1.97
CA GLN B 66 -6.98 -27.33 -1.50
C GLN B 66 -7.71 -27.96 -2.70
N LYS B 67 -6.94 -28.38 -3.69
CA LYS B 67 -7.53 -28.97 -4.89
C LYS B 67 -8.26 -30.25 -4.50
N GLY B 68 -9.57 -30.29 -4.61
CA GLY B 68 -10.36 -31.44 -4.24
C GLY B 68 -10.36 -31.66 -2.75
N THR B 69 -9.93 -30.67 -1.96
CA THR B 69 -9.92 -30.84 -0.50
C THR B 69 -10.41 -29.57 0.19
N TRP B 70 -11.38 -28.87 -0.40
CA TRP B 70 -11.83 -27.59 0.12
C TRP B 70 -12.28 -27.68 1.56
N ARG B 71 -12.73 -28.87 2.02
CA ARG B 71 -13.15 -29.02 3.40
C ARG B 71 -12.00 -28.96 4.40
N SER B 72 -10.79 -28.85 3.88
CA SER B 72 -9.62 -28.64 4.76
C SER B 72 -9.15 -27.18 4.69
N ASP B 73 -9.95 -26.31 4.09
CA ASP B 73 -9.49 -24.91 3.95
C ASP B 73 -9.49 -24.14 5.26
N GLY B 74 -10.18 -24.57 6.31
CA GLY B 74 -10.05 -23.94 7.62
C GLY B 74 -10.91 -22.71 7.86
N VAL B 75 -12.06 -22.57 7.15
CA VAL B 75 -12.86 -21.37 7.32
C VAL B 75 -14.16 -21.69 8.03
N PRO B 76 -14.36 -21.13 9.21
CA PRO B 76 -15.50 -21.53 10.02
C PRO B 76 -16.78 -21.03 9.35
N GLY B 77 -17.78 -21.88 9.32
CA GLY B 77 -19.07 -21.48 8.73
C GLY B 77 -19.08 -21.57 7.22
N VAL B 78 -17.95 -21.88 6.60
CA VAL B 78 -17.86 -21.98 5.15
C VAL B 78 -17.35 -23.37 4.77
N THR B 79 -16.24 -23.83 5.39
CA THR B 79 -15.69 -25.14 5.03
C THR B 79 -15.72 -26.13 6.22
N GLN B 80 -15.89 -25.63 7.43
CA GLN B 80 -16.01 -26.51 8.59
C GLN B 80 -16.70 -25.78 9.72
N GLN B 81 -17.11 -26.56 10.73
CA GLN B 81 -17.51 -25.98 12.00
C GLN B 81 -16.19 -25.76 12.77
N PRO B 82 -16.13 -24.78 13.65
CA PRO B 82 -14.86 -24.47 14.31
C PRO B 82 -14.38 -25.62 15.17
N ILE B 83 -13.11 -25.56 15.53
CA ILE B 83 -12.55 -26.54 16.45
C ILE B 83 -12.80 -26.01 17.86
N GLU B 84 -13.76 -26.59 18.59
CA GLU B 84 -14.10 -26.03 19.89
C GLU B 84 -12.99 -26.24 20.93
N ALA B 85 -13.11 -25.49 22.02
CA ALA B 85 -12.14 -25.64 23.11
C ALA B 85 -12.02 -27.10 23.51
N GLY B 86 -10.83 -27.67 23.52
CA GLY B 86 -10.60 -29.03 23.94
C GLY B 86 -10.71 -30.08 22.88
N ASP B 87 -11.25 -29.72 21.70
CA ASP B 87 -11.37 -30.71 20.66
C ASP B 87 -10.20 -30.76 19.70
N SER B 88 -10.28 -31.73 18.79
CA SER B 88 -9.25 -32.00 17.81
C SER B 88 -9.87 -32.04 16.42
N TYR B 89 -9.05 -31.82 15.41
CA TYR B 89 -9.44 -31.74 14.01
C TYR B 89 -8.24 -32.10 13.14
N THR B 90 -8.47 -32.85 12.08
CA THR B 90 -7.37 -33.20 11.20
C THR B 90 -7.53 -32.52 9.83
N TYR B 91 -6.51 -31.82 9.38
CA TYR B 91 -6.42 -31.25 8.05
C TYR B 91 -5.64 -32.20 7.13
N LYS B 92 -6.12 -32.40 5.91
CA LYS B 92 -5.35 -33.15 4.92
C LYS B 92 -5.27 -32.37 3.61
N PHE B 93 -4.09 -32.10 3.09
CA PHE B 93 -4.06 -31.47 1.77
C PHE B 93 -2.80 -31.86 1.01
N LYS B 94 -2.80 -31.70 -0.30
CA LYS B 94 -1.62 -31.91 -1.12
C LYS B 94 -0.88 -30.60 -1.33
N ALA B 95 0.42 -30.53 -1.09
CA ALA B 95 1.15 -29.27 -1.29
C ALA B 95 1.55 -29.12 -2.74
N ASP B 96 0.57 -28.88 -3.61
CA ASP B 96 0.88 -28.72 -5.04
CA ASP B 96 0.80 -28.70 -5.03
C ASP B 96 1.17 -27.27 -5.41
N ARG B 97 0.95 -26.32 -4.53
CA ARG B 97 1.26 -24.92 -4.80
C ARG B 97 2.62 -24.59 -4.19
N ILE B 98 3.56 -24.06 -4.98
CA ILE B 98 4.92 -23.93 -4.44
C ILE B 98 5.12 -22.60 -3.71
N GLY B 99 6.22 -22.52 -2.96
CA GLY B 99 6.75 -21.27 -2.48
C GLY B 99 6.46 -20.93 -1.04
N THR B 100 6.62 -19.62 -0.79
CA THR B 100 6.37 -19.05 0.52
C THR B 100 4.88 -18.93 0.83
N LEU B 101 4.35 -19.89 1.61
CA LEU B 101 2.95 -19.83 2.02
C LEU B 101 2.89 -19.60 3.52
N TRP B 102 1.70 -19.55 4.10
CA TRP B 102 1.65 -19.45 5.57
C TRP B 102 0.34 -20.06 6.04
N TYR B 103 0.16 -20.08 7.36
CA TYR B 103 -1.08 -20.64 7.93
C TYR B 103 -1.51 -19.73 9.08
N HIS B 104 -2.79 -19.67 9.37
CA HIS B 104 -3.22 -18.81 10.46
C HIS B 104 -4.64 -19.22 10.84
N CYS B 105 -5.02 -18.83 12.05
CA CYS B 105 -6.42 -19.09 12.46
C CYS B 105 -7.36 -18.36 11.54
N HIS B 106 -8.58 -18.88 11.31
CA HIS B 106 -9.56 -18.11 10.54
C HIS B 106 -10.85 -17.85 11.31
N VAL B 107 -10.82 -17.99 12.63
CA VAL B 107 -11.88 -17.56 13.52
C VAL B 107 -11.53 -16.20 14.12
N ASN B 108 -12.46 -15.25 14.22
CA ASN B 108 -12.17 -13.98 14.90
C ASN B 108 -10.88 -13.31 14.45
N VAL B 109 -10.62 -13.32 13.14
CA VAL B 109 -9.27 -13.10 12.62
C VAL B 109 -8.74 -11.72 13.00
N ASN B 110 -9.63 -10.73 13.08
CA ASN B 110 -9.15 -9.38 13.42
C ASN B 110 -8.38 -9.42 14.74
N GLU B 111 -8.85 -10.23 15.70
CA GLU B 111 -8.09 -10.36 16.95
C GLU B 111 -7.08 -11.49 16.91
N HIS B 112 -7.50 -12.70 16.47
CA HIS B 112 -6.63 -13.84 16.65
C HIS B 112 -5.38 -13.78 15.78
N VAL B 113 -5.59 -13.30 14.56
CA VAL B 113 -4.41 -13.12 13.68
C VAL B 113 -3.80 -11.74 13.94
N GLY B 114 -4.67 -10.75 14.15
CA GLY B 114 -4.21 -9.39 14.37
C GLY B 114 -3.27 -9.26 15.56
N VAL B 115 -3.68 -9.80 16.70
CA VAL B 115 -2.90 -9.56 17.92
C VAL B 115 -2.66 -10.81 18.73
N ARG B 116 -3.18 -11.99 18.36
CA ARG B 116 -2.94 -13.13 19.26
C ARG B 116 -1.96 -14.13 18.66
N GLY B 117 -1.21 -13.78 17.64
CA GLY B 117 -0.07 -14.58 17.23
C GLY B 117 -0.42 -15.88 16.51
N MET B 118 -1.66 -15.96 15.99
CA MET B 118 -2.05 -17.25 15.42
C MET B 118 -1.62 -17.42 13.97
N TRP B 119 -0.32 -17.53 13.73
CA TRP B 119 0.19 -17.60 12.38
C TRP B 119 1.57 -18.24 12.43
N GLY B 120 1.98 -18.82 11.31
CA GLY B 120 3.31 -19.35 11.09
C GLY B 120 3.59 -19.60 9.64
N PRO B 121 4.81 -19.94 9.26
CA PRO B 121 5.22 -20.08 7.89
C PRO B 121 5.09 -21.50 7.34
N LEU B 122 4.68 -21.57 6.09
CA LEU B 122 4.57 -22.84 5.38
C LEU B 122 5.37 -22.75 4.10
N ILE B 123 6.55 -23.39 4.06
CA ILE B 123 7.41 -23.27 2.91
C ILE B 123 7.36 -24.54 2.06
N VAL B 124 6.98 -24.38 0.80
CA VAL B 124 6.91 -25.51 -0.11
C VAL B 124 8.03 -25.37 -1.13
N ASP B 125 8.98 -26.32 -1.10
CA ASP B 125 10.09 -26.23 -2.02
C ASP B 125 9.68 -26.66 -3.44
N PRO B 126 9.92 -25.86 -4.46
CA PRO B 126 9.56 -26.29 -5.81
C PRO B 126 10.51 -27.37 -6.33
N LYS B 127 9.92 -28.23 -7.17
CA LYS B 127 10.75 -29.18 -7.88
C LYS B 127 11.80 -28.48 -8.75
N GLN B 128 11.40 -27.34 -9.31
CA GLN B 128 12.30 -26.59 -10.19
C GLN B 128 12.54 -25.18 -9.65
N PRO B 129 13.44 -25.05 -8.68
CA PRO B 129 13.72 -23.70 -8.19
C PRO B 129 14.33 -22.87 -9.31
N LEU B 130 14.28 -21.55 -9.14
CA LEU B 130 15.05 -20.66 -10.02
C LEU B 130 16.52 -20.92 -9.83
N PRO B 131 17.29 -20.63 -10.87
CA PRO B 131 18.75 -20.73 -10.74
C PRO B 131 19.27 -19.90 -9.59
N ILE B 132 18.72 -18.68 -9.40
CA ILE B 132 19.30 -17.91 -8.28
C ILE B 132 18.99 -18.56 -6.96
N GLU B 133 17.84 -19.25 -6.85
CA GLU B 133 17.55 -19.96 -5.61
C GLU B 133 18.55 -21.08 -5.31
N LYS B 134 19.10 -21.68 -6.36
CA LYS B 134 20.10 -22.71 -6.16
C LYS B 134 21.38 -22.16 -5.53
N ARG B 135 21.65 -20.86 -5.64
CA ARG B 135 22.89 -20.22 -5.18
C ARG B 135 22.74 -19.77 -3.73
N VAL B 136 21.52 -19.84 -3.18
CA VAL B 136 21.21 -19.31 -1.86
C VAL B 136 22.02 -20.05 -0.79
N THR B 137 22.62 -19.30 0.13
CA THR B 137 23.38 -19.93 1.23
C THR B 137 22.70 -19.72 2.57
N LYS B 138 21.70 -18.82 2.61
CA LYS B 138 21.02 -18.55 3.84
C LYS B 138 19.56 -18.17 3.48
N ASP B 139 18.62 -18.81 4.15
CA ASP B 139 17.17 -18.62 3.90
C ASP B 139 16.58 -17.98 5.14
N VAL B 140 15.82 -16.90 4.98
CA VAL B 140 15.46 -16.05 6.09
C VAL B 140 13.95 -15.77 6.13
N ILE B 141 13.23 -16.07 7.17
CA ILE B 141 11.80 -15.76 7.27
C ILE B 141 11.62 -14.56 8.17
N MET B 142 10.89 -13.55 7.69
CA MET B 142 10.52 -12.36 8.41
C MET B 142 9.01 -12.13 8.37
N MET B 143 8.36 -12.44 9.50
CA MET B 143 6.89 -12.27 9.60
C MET B 143 6.58 -11.03 10.39
N MET B 144 6.01 -10.02 9.74
CA MET B 144 5.76 -8.75 10.39
C MET B 144 4.36 -8.68 10.97
N SER B 145 4.17 -8.04 12.12
CA SER B 145 2.84 -7.86 12.66
C SER B 145 2.81 -6.67 13.63
N THR B 146 1.67 -6.35 14.20
CA THR B 146 1.50 -5.18 15.07
C THR B 146 0.75 -5.61 16.31
N TRP B 147 0.85 -4.80 17.35
CA TRP B 147 0.32 -5.15 18.66
C TRP B 147 -0.39 -3.94 19.26
N GLU B 148 -1.45 -4.21 20.00
CA GLU B 148 -2.25 -3.18 20.67
C GLU B 148 -2.03 -3.36 22.17
N SER B 149 -1.16 -2.53 22.76
CA SER B 149 -0.80 -2.80 24.16
C SER B 149 -2.02 -2.77 25.06
N ALA B 150 -3.04 -2.00 24.74
CA ALA B 150 -4.19 -1.97 25.68
C ALA B 150 -4.83 -3.34 25.89
N VAL B 151 -4.75 -4.26 24.93
CA VAL B 151 -5.44 -5.53 25.08
C VAL B 151 -4.48 -6.66 25.29
N ALA B 152 -3.25 -6.35 25.72
CA ALA B 152 -2.24 -7.37 25.90
C ALA B 152 -2.67 -8.48 26.86
N ASP B 153 -3.43 -8.12 27.88
CA ASP B 153 -3.87 -9.08 28.90
C ASP B 153 -5.31 -9.51 28.69
N LYS B 154 -5.92 -9.25 27.53
CA LYS B 154 -7.37 -9.37 27.41
C LYS B 154 -7.88 -10.16 26.21
N TYR B 155 -7.80 -11.48 26.26
CA TYR B 155 -8.35 -12.33 25.20
C TYR B 155 -9.79 -11.92 24.94
N GLY B 156 -10.23 -11.85 23.69
CA GLY B 156 -11.61 -11.53 23.34
C GLY B 156 -11.77 -10.07 23.01
N GLU B 157 -10.66 -9.33 23.08
CA GLU B 157 -10.70 -7.91 22.75
C GLU B 157 -9.60 -7.57 21.76
N GLY B 158 -9.81 -6.54 20.94
CA GLY B 158 -8.71 -6.11 20.09
C GLY B 158 -8.94 -6.24 18.60
N GLY B 159 -8.04 -5.62 17.84
CA GLY B 159 -8.08 -5.74 16.41
C GLY B 159 -9.26 -5.04 15.77
N THR B 160 -9.72 -3.95 16.35
CA THR B 160 -10.75 -3.15 15.67
C THR B 160 -10.23 -1.77 15.31
N PRO B 161 -10.91 -1.04 14.46
CA PRO B 161 -10.54 0.35 14.13
C PRO B 161 -10.42 1.26 15.35
N MET B 162 -11.10 0.86 16.42
CA MET B 162 -11.13 1.66 17.64
C MET B 162 -9.91 1.37 18.52
N ASN B 163 -9.13 0.35 18.16
CA ASN B 163 -7.95 0.02 18.97
C ASN B 163 -6.76 0.77 18.38
N VAL B 164 -5.68 0.79 19.17
CA VAL B 164 -4.50 1.51 18.73
C VAL B 164 -3.33 0.53 18.64
N ALA B 165 -2.80 0.37 17.43
CA ALA B 165 -1.63 -0.50 17.34
C ALA B 165 -0.39 0.35 17.68
N ASP B 166 0.25 0.03 18.81
CA ASP B 166 1.34 0.90 19.24
C ASP B 166 2.65 0.16 19.40
N TYR B 167 2.73 -1.13 19.12
CA TYR B 167 3.99 -1.85 19.03
C TYR B 167 4.01 -2.68 17.75
N PHE B 168 5.22 -2.88 17.24
CA PHE B 168 5.47 -3.40 15.90
C PHE B 168 6.60 -4.41 15.94
N SER B 169 6.57 -5.46 15.12
CA SER B 169 7.58 -6.50 15.29
C SER B 169 7.91 -7.26 14.02
N VAL B 170 9.05 -7.94 14.08
CA VAL B 170 9.38 -8.99 13.13
C VAL B 170 9.52 -10.27 13.97
N ASN B 171 8.84 -11.32 13.53
CA ASN B 171 8.87 -12.58 14.30
C ASN B 171 8.55 -12.36 15.78
N ALA B 172 7.57 -11.52 16.07
CA ALA B 172 7.02 -11.26 17.38
C ALA B 172 8.00 -10.61 18.36
N LYS B 173 9.03 -9.95 17.85
CA LYS B 173 9.86 -9.13 18.75
C LYS B 173 10.00 -7.72 18.17
N SER B 174 10.03 -6.75 19.07
CA SER B 174 10.30 -5.35 18.76
C SER B 174 11.77 -5.05 19.11
N PHE B 175 12.49 -4.39 18.24
CA PHE B 175 13.85 -3.94 18.55
C PHE B 175 13.88 -3.25 19.89
N PRO B 176 14.87 -3.44 20.75
CA PRO B 176 16.07 -4.22 20.53
C PRO B 176 16.00 -5.73 20.81
N LEU B 177 14.80 -6.26 21.04
CA LEU B 177 14.68 -7.69 21.32
C LEU B 177 14.66 -8.57 20.09
N THR B 178 14.70 -7.95 18.88
CA THR B 178 14.97 -8.77 17.70
C THR B 178 16.42 -9.27 17.69
N GLN B 179 16.80 -9.95 16.63
CA GLN B 179 18.14 -10.53 16.47
C GLN B 179 18.77 -10.06 15.18
N PRO B 180 20.08 -9.92 15.15
CA PRO B 180 20.76 -9.54 13.90
C PRO B 180 20.71 -10.67 12.89
N LEU B 181 20.80 -10.27 11.63
CA LEU B 181 20.94 -11.16 10.50
C LEU B 181 22.41 -11.30 10.22
N ARG B 182 23.04 -12.37 10.69
CA ARG B 182 24.49 -12.46 10.50
C ARG B 182 24.85 -13.17 9.22
N VAL B 183 25.69 -12.50 8.43
CA VAL B 183 26.11 -13.06 7.16
C VAL B 183 27.63 -13.01 7.04
N LYS B 184 28.14 -13.65 6.00
CA LYS B 184 29.55 -13.50 5.63
C LYS B 184 29.63 -13.07 4.17
N LYS B 185 30.68 -12.34 3.85
CA LYS B 185 30.88 -11.89 2.49
C LYS B 185 30.80 -13.06 1.50
N GLY B 186 30.01 -12.85 0.44
CA GLY B 186 29.70 -13.79 -0.61
C GLY B 186 28.47 -14.65 -0.34
N ASP B 187 27.84 -14.50 0.83
CA ASP B 187 26.59 -15.17 1.12
C ASP B 187 25.58 -14.72 0.05
N VAL B 188 24.64 -15.60 -0.23
CA VAL B 188 23.51 -15.24 -1.10
C VAL B 188 22.28 -15.47 -0.25
N VAL B 189 21.58 -14.39 0.11
CA VAL B 189 20.55 -14.46 1.13
C VAL B 189 19.14 -14.35 0.52
N LYS B 190 18.34 -15.38 0.79
CA LYS B 190 16.92 -15.32 0.36
C LYS B 190 16.12 -14.83 1.55
N ILE B 191 15.39 -13.73 1.41
CA ILE B 191 14.55 -13.28 2.51
C ILE B 191 13.08 -13.37 2.10
N ARG B 192 12.29 -13.96 2.98
CA ARG B 192 10.84 -14.06 2.72
C ARG B 192 10.11 -13.17 3.67
N PHE B 193 9.46 -12.12 3.13
CA PHE B 193 8.66 -11.20 3.93
C PHE B 193 7.20 -11.64 3.99
N PHE B 194 6.58 -11.56 5.15
CA PHE B 194 5.19 -11.89 5.29
C PHE B 194 4.42 -10.77 5.98
N GLY B 195 3.27 -10.40 5.41
CA GLY B 195 2.34 -9.48 6.07
C GLY B 195 1.44 -10.29 6.99
N ALA B 196 1.96 -10.67 8.15
CA ALA B 196 1.20 -11.60 9.00
C ALA B 196 0.12 -10.90 9.77
N GLY B 197 0.36 -9.65 10.23
CA GLY B 197 -0.70 -8.96 11.00
C GLY B 197 -1.48 -7.97 10.13
N GLY B 198 -2.09 -6.97 10.77
CA GLY B 198 -3.00 -6.08 10.07
C GLY B 198 -2.30 -4.86 9.54
N GLY B 199 -0.98 -4.74 9.63
CA GLY B 199 -0.33 -3.50 9.21
C GLY B 199 0.32 -3.57 7.84
N ILE B 200 0.81 -2.43 7.36
CA ILE B 200 1.62 -2.38 6.16
CA ILE B 200 1.61 -2.36 6.15
C ILE B 200 3.05 -2.03 6.56
N HIS B 201 4.01 -2.71 5.93
CA HIS B 201 5.40 -2.58 6.33
C HIS B 201 6.27 -2.30 5.12
N ALA B 202 7.08 -1.26 5.18
CA ALA B 202 7.94 -0.89 4.06
C ALA B 202 9.37 -1.33 4.36
N MET B 203 9.73 -2.51 3.90
CA MET B 203 10.97 -3.12 4.38
C MET B 203 12.16 -2.61 3.57
N HIS B 204 13.10 -1.92 4.25
CA HIS B 204 14.22 -1.25 3.58
C HIS B 204 15.56 -1.84 4.05
N SER B 205 16.38 -2.28 3.13
CA SER B 205 17.72 -2.79 3.41
C SER B 205 18.80 -1.75 3.15
N HIS B 206 19.50 -1.31 4.21
CA HIS B 206 20.63 -0.43 3.93
C HIS B 206 21.73 -1.20 3.25
N GLY B 207 22.61 -0.52 2.51
CA GLY B 207 23.83 -1.08 2.01
C GLY B 207 23.66 -2.01 0.84
N HIS B 208 22.40 -2.33 0.47
CA HIS B 208 22.15 -3.39 -0.51
C HIS B 208 20.81 -3.14 -1.25
N ASP B 209 20.77 -3.52 -2.51
CA ASP B 209 19.48 -3.62 -3.19
C ASP B 209 18.98 -5.06 -3.04
N MET B 210 17.67 -5.19 -3.03
CA MET B 210 17.04 -6.51 -3.03
C MET B 210 16.54 -6.85 -4.42
N LEU B 211 16.70 -8.08 -4.86
CA LEU B 211 16.11 -8.50 -6.13
C LEU B 211 14.77 -9.14 -5.76
N VAL B 212 13.63 -8.56 -6.11
CA VAL B 212 12.34 -9.17 -5.84
C VAL B 212 12.07 -10.26 -6.87
N THR B 213 11.99 -11.50 -6.36
CA THR B 213 11.91 -12.64 -7.24
C THR B 213 10.55 -13.34 -7.17
N HIS B 214 9.84 -13.22 -6.08
CA HIS B 214 8.54 -13.94 -5.97
C HIS B 214 7.49 -13.07 -5.33
N LYS B 215 6.26 -13.19 -5.81
CA LYS B 215 5.10 -12.54 -5.18
C LYS B 215 4.16 -13.66 -4.68
N ASP B 216 3.83 -13.66 -3.42
CA ASP B 216 2.97 -14.71 -2.85
C ASP B 216 3.51 -16.10 -3.21
N GLY B 217 4.85 -16.23 -3.22
CA GLY B 217 5.47 -17.53 -3.37
C GLY B 217 5.64 -17.97 -4.80
N LEU B 218 5.06 -17.28 -5.80
CA LEU B 218 5.27 -17.64 -7.19
C LEU B 218 6.32 -16.76 -7.89
N PRO B 219 7.18 -17.36 -8.70
CA PRO B 219 8.26 -16.60 -9.33
C PRO B 219 7.76 -15.61 -10.37
N LEU B 220 8.22 -14.37 -10.26
CA LEU B 220 7.92 -13.35 -11.27
C LEU B 220 8.63 -13.59 -12.57
N ASP B 221 7.89 -13.41 -13.67
CA ASP B 221 8.56 -13.46 -14.96
C ASP B 221 9.51 -12.28 -15.10
N SER B 222 9.22 -11.17 -14.48
CA SER B 222 10.03 -9.96 -14.55
CA SER B 222 10.02 -9.95 -14.55
C SER B 222 10.42 -9.48 -13.17
N PRO B 223 11.44 -10.10 -12.59
CA PRO B 223 11.85 -9.67 -11.24
C PRO B 223 12.44 -8.27 -11.37
N TYR B 224 12.47 -7.59 -10.23
CA TYR B 224 12.94 -6.21 -10.26
C TYR B 224 13.66 -5.89 -8.96
N TYR B 225 14.59 -4.94 -9.05
CA TYR B 225 15.32 -4.49 -7.87
C TYR B 225 14.56 -3.44 -7.12
N ALA B 226 14.79 -3.45 -5.81
CA ALA B 226 14.14 -2.51 -4.92
C ALA B 226 15.05 -2.30 -3.69
N ASP B 227 15.02 -1.11 -3.11
CA ASP B 227 15.66 -0.96 -1.80
C ASP B 227 14.60 -0.91 -0.73
N THR B 228 13.30 -0.81 -1.09
CA THR B 228 12.20 -0.75 -0.15
C THR B 228 11.04 -1.56 -0.69
N VAL B 229 10.57 -2.55 0.06
CA VAL B 229 9.55 -3.46 -0.46
C VAL B 229 8.32 -3.32 0.42
N LEU B 230 7.17 -2.92 -0.12
CA LEU B 230 5.96 -2.70 0.66
C LEU B 230 5.28 -4.05 0.86
N VAL B 231 5.04 -4.43 2.09
CA VAL B 231 4.37 -5.70 2.39
C VAL B 231 3.08 -5.44 3.14
N SER B 232 1.94 -5.89 2.61
CA SER B 232 0.64 -5.62 3.22
CA SER B 232 0.66 -5.62 3.25
C SER B 232 0.01 -6.91 3.73
N PRO B 233 -1.06 -6.82 4.51
CA PRO B 233 -1.64 -8.05 5.07
C PRO B 233 -1.98 -9.13 4.06
N GLY B 234 -1.46 -10.34 4.35
CA GLY B 234 -1.72 -11.51 3.52
C GLY B 234 -0.63 -11.77 2.51
N GLU B 235 0.12 -10.72 2.12
CA GLU B 235 1.10 -10.85 1.05
C GLU B 235 2.40 -11.51 1.49
N ARG B 236 3.11 -12.14 0.55
CA ARG B 236 4.51 -12.45 0.79
C ARG B 236 5.32 -11.94 -0.39
N TYR B 237 6.56 -11.56 -0.11
CA TYR B 237 7.52 -11.22 -1.14
C TYR B 237 8.82 -11.98 -0.85
N ASP B 238 9.39 -12.58 -1.90
CA ASP B 238 10.71 -13.20 -1.68
C ASP B 238 11.75 -12.31 -2.40
N VAL B 239 12.89 -12.09 -1.76
CA VAL B 239 13.92 -11.30 -2.40
C VAL B 239 15.25 -12.04 -2.25
N ILE B 240 16.23 -11.60 -3.01
CA ILE B 240 17.63 -12.05 -2.90
C ILE B 240 18.51 -10.84 -2.61
N ILE B 241 19.37 -10.97 -1.62
CA ILE B 241 20.42 -9.98 -1.38
C ILE B 241 21.77 -10.67 -1.59
N GLU B 242 22.62 -10.11 -2.42
CA GLU B 242 23.99 -10.57 -2.55
C GLU B 242 24.79 -9.91 -1.43
N ALA B 243 25.38 -10.69 -0.51
CA ALA B 243 26.07 -10.11 0.63
C ALA B 243 27.49 -9.74 0.22
N ASP B 244 27.63 -8.68 -0.55
CA ASP B 244 28.94 -8.37 -1.10
C ASP B 244 29.46 -7.02 -0.61
N ASN B 245 28.96 -6.54 0.51
CA ASN B 245 29.37 -5.20 0.95
C ASN B 245 29.53 -5.19 2.45
N PRO B 246 30.64 -5.73 2.98
CA PRO B 246 30.74 -5.84 4.43
C PRO B 246 30.60 -4.55 5.21
N GLY B 247 29.83 -4.60 6.30
CA GLY B 247 29.69 -3.53 7.24
C GLY B 247 28.59 -3.93 8.23
N ARG B 248 28.01 -2.98 8.93
CA ARG B 248 26.82 -3.18 9.74
C ARG B 248 25.71 -2.32 9.11
N PHE B 249 24.71 -2.99 8.52
CA PHE B 249 23.71 -2.30 7.74
C PHE B 249 22.31 -2.63 8.28
N ILE B 250 21.71 -1.60 8.83
CA ILE B 250 20.39 -1.80 9.41
C ILE B 250 19.36 -2.12 8.33
N PHE B 251 18.28 -2.75 8.75
CA PHE B 251 17.31 -3.37 7.84
C PHE B 251 15.98 -3.30 8.55
N HIS B 252 15.05 -2.49 8.01
CA HIS B 252 13.91 -2.17 8.84
C HIS B 252 12.67 -1.69 8.11
N ASP B 253 11.59 -1.67 8.87
CA ASP B 253 10.34 -1.06 8.38
C ASP B 253 10.53 0.45 8.31
N HIS B 254 10.30 1.02 7.13
CA HIS B 254 10.53 2.47 6.93
C HIS B 254 9.27 3.26 7.19
N VAL B 255 8.16 2.59 7.59
CA VAL B 255 7.00 3.41 7.98
C VAL B 255 7.32 4.12 9.30
N ASP B 256 7.32 5.45 9.29
CA ASP B 256 7.83 6.27 10.39
C ASP B 256 7.27 5.90 11.74
N THR B 257 5.97 5.73 11.86
CA THR B 257 5.44 5.38 13.18
C THR B 257 5.75 3.98 13.65
N HIS B 258 6.19 3.07 12.80
CA HIS B 258 6.40 1.67 13.15
C HIS B 258 7.75 1.46 13.80
N VAL B 259 8.61 2.47 13.79
CA VAL B 259 9.89 2.23 14.49
C VAL B 259 9.81 2.92 15.86
N THR B 260 8.68 2.70 16.51
CA THR B 260 8.41 3.12 17.86
C THR B 260 7.90 1.92 18.67
N ALA B 261 7.92 2.09 19.98
CA ALA B 261 7.43 1.04 20.89
C ALA B 261 6.65 1.72 21.98
N GLY B 262 5.33 1.66 22.00
CA GLY B 262 4.65 2.41 23.04
C GLY B 262 4.93 3.90 23.01
N GLY B 263 5.13 4.50 21.84
CA GLY B 263 5.39 5.93 21.72
C GLY B 263 6.85 6.29 21.87
N LYS B 264 7.72 5.37 22.28
CA LYS B 264 9.15 5.56 22.46
C LYS B 264 9.92 5.10 21.23
N HIS B 265 11.07 5.71 20.93
CA HIS B 265 11.90 5.33 19.79
C HIS B 265 13.31 5.04 20.33
N PRO B 266 14.06 4.11 19.75
CA PRO B 266 13.60 3.24 18.66
C PRO B 266 12.94 1.97 19.17
N GLY B 267 12.27 1.33 18.23
CA GLY B 267 11.62 0.05 18.51
C GLY B 267 11.12 -0.48 17.17
N GLY B 268 10.45 -1.62 17.21
CA GLY B 268 9.72 -2.05 16.02
C GLY B 268 10.50 -3.02 15.19
N PRO B 269 10.12 -3.18 13.91
CA PRO B 269 10.75 -4.20 13.08
C PRO B 269 12.07 -3.70 12.49
N ILE B 270 13.10 -3.94 13.29
CA ILE B 270 14.45 -3.53 12.95
C ILE B 270 15.39 -4.68 13.22
N THR B 271 16.26 -4.92 12.24
CA THR B 271 17.37 -5.84 12.46
C THR B 271 18.59 -5.17 11.86
N VAL B 272 19.71 -5.89 11.89
CA VAL B 272 20.95 -5.34 11.36
C VAL B 272 21.60 -6.48 10.58
N ILE B 273 21.98 -6.26 9.35
CA ILE B 273 22.77 -7.18 8.57
C ILE B 273 24.22 -7.01 9.09
N GLU B 274 24.69 -7.95 9.88
CA GLU B 274 26.04 -7.85 10.46
C GLU B 274 26.95 -8.78 9.68
N TYR B 275 28.01 -8.27 9.06
CA TYR B 275 28.95 -9.15 8.39
C TYR B 275 30.05 -9.66 9.33
N ASP B 276 30.41 -10.93 9.15
CA ASP B 276 31.52 -11.49 9.91
C ASP B 276 32.77 -10.65 9.66
N GLY B 277 33.58 -10.43 10.72
CA GLY B 277 34.87 -9.80 10.50
C GLY B 277 34.88 -8.29 10.51
N VAL B 278 33.72 -7.65 10.62
CA VAL B 278 33.69 -6.19 10.78
C VAL B 278 33.95 -5.84 12.25
N PRO B 279 34.99 -5.05 12.50
CA PRO B 279 35.31 -4.73 13.91
C PRO B 279 34.19 -4.02 14.62
N VAL B 280 34.03 -4.27 15.91
CA VAL B 280 32.88 -3.82 16.70
C VAL B 280 33.20 -2.62 17.56
N ASP B 281 32.62 -1.46 17.29
CA ASP B 281 32.80 -0.28 18.14
C ASP B 281 32.15 -0.47 19.48
N ASP B 282 32.75 0.10 20.53
CA ASP B 282 32.13 0.05 21.85
C ASP B 282 30.75 0.70 21.91
N TRP B 283 30.36 1.53 20.95
CA TRP B 283 29.04 2.16 21.02
C TRP B 283 28.03 1.36 20.21
N TYR B 284 28.44 0.28 19.54
CA TYR B 284 27.43 -0.47 18.76
C TYR B 284 26.33 -1.03 19.64
N VAL B 285 25.08 -0.70 19.26
CA VAL B 285 23.93 -1.06 20.07
C VAL B 285 23.86 -2.55 20.35
N TRP B 286 24.34 -3.41 19.48
CA TRP B 286 24.18 -4.85 19.71
C TRP B 286 25.50 -5.55 19.97
N LYS B 287 26.46 -4.79 20.53
CA LYS B 287 27.77 -5.42 20.71
C LYS B 287 27.70 -6.57 21.69
N ASP B 288 26.82 -6.49 22.68
CA ASP B 288 26.87 -7.68 23.56
C ASP B 288 25.73 -8.64 23.32
N LYS B 289 25.23 -8.78 22.10
CA LYS B 289 24.00 -9.53 21.88
C LYS B 289 24.07 -11.02 22.22
N ASP B 290 23.08 -11.44 22.99
CA ASP B 290 22.89 -12.89 23.20
C ASP B 290 22.25 -13.48 21.94
N TYR B 291 23.04 -13.99 21.02
CA TYR B 291 22.62 -14.29 19.66
C TYR B 291 21.82 -15.57 19.51
N ASP B 292 20.74 -15.48 18.74
CA ASP B 292 19.96 -16.66 18.35
C ASP B 292 20.05 -16.86 16.86
N PRO B 293 20.83 -17.84 16.40
CA PRO B 293 21.02 -18.05 14.98
C PRO B 293 19.73 -18.53 14.29
N ASN B 294 18.70 -18.88 15.03
CA ASN B 294 17.51 -19.38 14.33
C ASN B 294 16.31 -18.43 14.44
N PHE B 295 16.55 -17.18 14.77
CA PHE B 295 15.49 -16.20 14.94
C PHE B 295 14.72 -16.00 13.61
N PHE B 296 15.37 -16.25 12.49
CA PHE B 296 14.66 -16.13 11.22
C PHE B 296 14.38 -17.51 10.61
N TYR B 297 14.39 -18.56 11.43
CA TYR B 297 14.25 -19.97 11.08
C TYR B 297 15.33 -20.46 10.13
N SER B 298 16.50 -19.76 10.05
CA SER B 298 17.48 -20.11 9.04
C SER B 298 18.12 -21.48 9.23
N GLU B 299 18.22 -21.86 10.52
CA GLU B 299 18.76 -23.20 10.78
C GLU B 299 17.71 -24.29 10.51
N SER B 300 16.53 -24.03 11.05
CA SER B 300 15.46 -25.02 10.83
C SER B 300 15.26 -25.36 9.36
N LEU B 301 15.34 -24.31 8.53
CA LEU B 301 15.16 -24.42 7.09
C LEU B 301 16.20 -25.32 6.46
N LYS B 302 17.29 -25.64 7.19
CA LYS B 302 18.29 -26.55 6.63
C LYS B 302 18.15 -28.02 7.08
N GLN B 303 17.17 -28.28 7.91
CA GLN B 303 17.08 -29.58 8.58
C GLN B 303 15.99 -30.51 8.06
N GLY B 304 15.56 -30.41 6.81
CA GLY B 304 14.70 -31.50 6.34
C GLY B 304 13.24 -31.11 6.30
N TYR B 305 12.41 -32.09 5.93
CA TYR B 305 11.01 -31.78 5.65
C TYR B 305 10.13 -32.23 6.79
N GLY B 306 9.35 -31.29 7.29
CA GLY B 306 8.54 -31.56 8.45
C GLY B 306 8.18 -30.27 9.18
N MET B 307 7.87 -30.41 10.45
CA MET B 307 7.43 -29.36 11.33
C MET B 307 8.53 -29.09 12.38
N PHE B 308 8.83 -27.83 12.57
CA PHE B 308 9.93 -27.43 13.46
C PHE B 308 9.49 -26.45 14.50
N ASP B 309 9.64 -26.79 15.76
CA ASP B 309 9.42 -25.83 16.84
C ASP B 309 10.73 -25.02 17.03
N HIS B 310 10.64 -23.92 17.78
CA HIS B 310 11.86 -23.15 18.09
C HIS B 310 11.71 -22.62 19.50
N ASP B 311 12.63 -23.05 20.38
CA ASP B 311 12.43 -22.66 21.77
C ASP B 311 12.46 -21.16 21.95
N GLY B 312 13.23 -20.42 21.16
CA GLY B 312 13.20 -18.97 21.32
C GLY B 312 11.85 -18.34 21.06
N PHE B 313 10.95 -19.05 20.39
CA PHE B 313 9.64 -18.43 20.17
C PHE B 313 8.56 -18.90 21.13
N LYS B 314 8.93 -19.78 22.08
CA LYS B 314 7.94 -20.32 23.02
C LYS B 314 7.47 -19.31 24.04
N GLY B 315 6.18 -19.33 24.40
CA GLY B 315 5.69 -18.48 25.46
C GLY B 315 5.58 -19.25 26.79
N GLU B 316 5.19 -18.51 27.81
CA GLU B 316 5.05 -19.10 29.14
C GLU B 316 3.57 -19.40 29.38
N PHE B 317 3.32 -20.57 29.97
CA PHE B 317 1.92 -20.87 30.33
C PHE B 317 1.49 -20.02 31.52
N ALA C 2 -19.42 4.76 -32.09
CA ALA C 2 -20.77 5.29 -32.08
C ALA C 2 -21.00 6.38 -31.04
N GLU C 3 -22.05 7.20 -31.23
CA GLU C 3 -22.39 8.19 -30.22
C GLU C 3 -23.39 7.60 -29.22
N ARG C 4 -23.06 7.62 -27.94
CA ARG C 4 -23.92 7.02 -26.91
C ARG C 4 -24.31 8.07 -25.89
N GLU C 5 -25.60 8.34 -25.75
CA GLU C 5 -26.08 9.42 -24.90
C GLU C 5 -26.88 8.88 -23.73
N PHE C 6 -26.48 9.21 -22.51
CA PHE C 6 -27.11 8.73 -21.30
C PHE C 6 -27.57 9.87 -20.42
N ASP C 7 -28.64 9.65 -19.65
CA ASP C 7 -29.12 10.65 -18.72
C ASP C 7 -28.95 10.09 -17.30
N MET C 8 -28.30 10.86 -16.46
CA MET C 8 -28.02 10.47 -15.08
CA MET C 8 -28.01 10.48 -15.09
C MET C 8 -28.61 11.48 -14.13
N THR C 9 -29.07 11.07 -12.96
CA THR C 9 -29.45 12.02 -11.94
C THR C 9 -28.54 11.81 -10.71
N ILE C 10 -28.54 12.74 -9.78
CA ILE C 10 -27.94 12.58 -8.45
C ILE C 10 -29.05 12.69 -7.44
N GLU C 11 -29.24 11.71 -6.55
CA GLU C 11 -30.40 11.70 -5.69
C GLU C 11 -29.96 11.53 -4.24
N GLU C 12 -30.68 12.13 -3.29
CA GLU C 12 -30.45 11.91 -1.87
C GLU C 12 -31.25 10.66 -1.49
N VAL C 13 -30.52 9.61 -1.14
CA VAL C 13 -31.18 8.35 -0.77
C VAL C 13 -30.44 7.75 0.43
N THR C 14 -31.05 6.76 1.05
CA THR C 14 -30.51 6.03 2.18
C THR C 14 -30.30 4.57 1.80
N ILE C 15 -29.12 4.02 2.11
CA ILE C 15 -28.88 2.64 1.71
C ILE C 15 -28.57 1.85 2.96
N LYS C 16 -28.77 0.55 2.88
CA LYS C 16 -28.40 -0.32 3.98
C LYS C 16 -27.01 -0.88 3.69
N VAL C 17 -26.03 -0.45 4.46
CA VAL C 17 -24.70 -0.99 4.20
C VAL C 17 -24.44 -2.26 4.98
N ALA C 18 -24.90 -2.25 6.22
CA ALA C 18 -24.61 -3.38 7.10
C ALA C 18 -25.84 -3.58 8.00
N PRO C 19 -25.91 -4.74 8.61
CA PRO C 19 -26.93 -4.89 9.67
C PRO C 19 -26.52 -3.85 10.71
N GLY C 20 -27.43 -2.95 11.05
CA GLY C 20 -27.01 -1.95 12.03
C GLY C 20 -26.51 -0.66 11.40
N LEU C 21 -26.47 -0.58 10.08
CA LEU C 21 -25.92 0.66 9.50
C LEU C 21 -26.65 1.00 8.20
N ASP C 22 -27.60 1.93 8.32
CA ASP C 22 -28.15 2.59 7.16
C ASP C 22 -27.38 3.90 6.95
N TYR C 23 -27.18 4.30 5.71
CA TYR C 23 -26.30 5.46 5.45
C TYR C 23 -26.94 6.40 4.44
N LYS C 24 -26.89 7.69 4.75
CA LYS C 24 -27.31 8.70 3.80
C LYS C 24 -26.20 8.93 2.76
N VAL C 25 -26.60 8.80 1.50
CA VAL C 25 -25.65 8.89 0.39
C VAL C 25 -26.22 9.80 -0.69
N PHE C 26 -25.33 10.17 -1.59
CA PHE C 26 -25.74 10.85 -2.82
C PHE C 26 -25.56 9.88 -3.99
N GLY C 27 -26.62 9.12 -4.29
CA GLY C 27 -26.55 8.08 -5.29
C GLY C 27 -26.76 8.56 -6.70
N PHE C 28 -25.84 8.22 -7.59
CA PHE C 28 -26.09 8.38 -9.02
C PHE C 28 -27.24 7.45 -9.41
N ASN C 29 -28.23 8.04 -10.07
CA ASN C 29 -29.49 7.33 -10.36
C ASN C 29 -30.06 6.70 -9.07
N GLY C 30 -29.83 7.28 -7.91
CA GLY C 30 -30.38 6.82 -6.65
C GLY C 30 -29.85 5.46 -6.23
N GLN C 31 -28.65 5.09 -6.67
CA GLN C 31 -28.11 3.79 -6.26
C GLN C 31 -26.61 3.88 -5.97
N VAL C 32 -26.10 2.97 -5.15
CA VAL C 32 -24.68 2.87 -4.81
C VAL C 32 -24.31 1.36 -4.92
N PRO C 33 -23.40 0.90 -5.75
CA PRO C 33 -22.63 1.63 -6.75
C PRO C 33 -23.52 2.33 -7.79
N GLY C 34 -23.03 3.41 -8.39
CA GLY C 34 -23.79 4.07 -9.43
C GLY C 34 -23.94 3.12 -10.62
N PRO C 35 -24.73 3.49 -11.61
CA PRO C 35 -24.98 2.59 -12.73
CA PRO C 35 -24.99 2.61 -12.74
C PRO C 35 -23.70 2.22 -13.47
N LEU C 36 -23.70 1.01 -14.01
CA LEU C 36 -22.63 0.57 -14.89
C LEU C 36 -22.72 1.32 -16.21
N ILE C 37 -21.64 1.99 -16.59
CA ILE C 37 -21.58 2.55 -17.95
C ILE C 37 -20.63 1.66 -18.74
N HIS C 38 -21.09 1.05 -19.83
CA HIS C 38 -20.29 0.14 -20.63
C HIS C 38 -20.29 0.59 -22.07
N VAL C 39 -19.12 0.92 -22.60
CA VAL C 39 -19.05 1.42 -23.99
C VAL C 39 -17.87 0.80 -24.73
N GLN C 40 -17.68 1.11 -26.01
CA GLN C 40 -16.59 0.56 -26.81
C GLN C 40 -15.52 1.64 -27.05
N GLU C 41 -14.26 1.24 -27.10
CA GLU C 41 -13.15 2.09 -27.48
C GLU C 41 -13.54 2.92 -28.71
N GLY C 42 -13.39 4.24 -28.63
CA GLY C 42 -13.70 5.08 -29.78
C GLY C 42 -15.07 5.72 -29.74
N ASP C 43 -15.98 5.25 -28.88
CA ASP C 43 -17.30 5.84 -28.83
C ASP C 43 -17.26 7.27 -28.31
N ASP C 44 -18.21 8.06 -28.82
CA ASP C 44 -18.44 9.40 -28.33
C ASP C 44 -19.54 9.33 -27.29
N VAL C 45 -19.15 9.64 -26.07
CA VAL C 45 -20.09 9.57 -24.95
C VAL C 45 -20.62 10.94 -24.57
N ILE C 46 -21.91 11.02 -24.33
CA ILE C 46 -22.64 12.15 -23.84
C ILE C 46 -23.43 11.77 -22.60
N VAL C 47 -23.15 12.45 -21.50
CA VAL C 47 -23.85 12.19 -20.25
C VAL C 47 -24.49 13.46 -19.75
N ASN C 48 -25.80 13.50 -19.75
CA ASN C 48 -26.54 14.60 -19.17
C ASN C 48 -26.87 14.30 -17.71
N VAL C 49 -26.40 15.15 -16.81
CA VAL C 49 -26.52 15.01 -15.38
C VAL C 49 -27.47 16.06 -14.77
N THR C 50 -28.46 15.60 -14.03
CA THR C 50 -29.30 16.50 -13.27
C THR C 50 -29.11 16.27 -11.78
N ASN C 51 -28.80 17.35 -11.08
CA ASN C 51 -28.50 17.31 -9.67
C ASN C 51 -29.77 17.50 -8.85
N ASN C 52 -30.35 16.40 -8.38
CA ASN C 52 -31.59 16.44 -7.58
C ASN C 52 -31.28 16.39 -6.10
N THR C 53 -30.10 16.93 -5.76
CA THR C 53 -29.79 17.02 -4.37
C THR C 53 -29.69 18.49 -3.92
N SER C 54 -29.38 18.65 -2.66
CA SER C 54 -29.30 19.93 -1.98
C SER C 54 -27.89 20.54 -2.03
N LEU C 55 -26.93 19.85 -2.65
CA LEU C 55 -25.53 20.27 -2.54
C LEU C 55 -24.93 20.19 -3.93
N PRO C 56 -23.88 20.97 -4.20
CA PRO C 56 -23.27 20.93 -5.52
C PRO C 56 -22.39 19.68 -5.71
N HIS C 57 -22.30 19.22 -6.95
CA HIS C 57 -21.52 18.05 -7.34
C HIS C 57 -20.89 18.26 -8.71
N THR C 58 -20.00 17.33 -9.08
CA THR C 58 -19.58 17.14 -10.44
C THR C 58 -19.50 15.65 -10.76
N ILE C 59 -19.15 15.29 -11.98
CA ILE C 59 -18.72 13.93 -12.26
C ILE C 59 -17.36 14.00 -12.95
N HIS C 60 -16.36 13.38 -12.34
CA HIS C 60 -15.06 13.19 -12.98
C HIS C 60 -14.97 11.76 -13.53
N TRP C 61 -14.40 11.60 -14.70
CA TRP C 61 -14.36 10.31 -15.40
C TRP C 61 -12.93 9.82 -15.23
N HIS C 62 -12.73 9.01 -14.19
CA HIS C 62 -11.34 8.66 -13.87
C HIS C 62 -10.76 7.66 -14.87
N GLY C 63 -9.67 8.09 -15.51
CA GLY C 63 -8.96 7.31 -16.48
C GLY C 63 -9.27 7.77 -17.91
N VAL C 64 -10.37 8.56 -18.04
CA VAL C 64 -10.70 9.13 -19.36
C VAL C 64 -9.75 10.28 -19.67
N HIS C 65 -9.04 10.26 -20.79
CA HIS C 65 -8.03 11.29 -21.02
C HIS C 65 -8.65 12.66 -21.24
N GLN C 66 -9.86 12.70 -21.80
CA GLN C 66 -10.50 13.97 -22.16
C GLN C 66 -9.67 14.65 -23.24
N LYS C 67 -9.24 13.85 -24.20
CA LYS C 67 -8.49 14.35 -25.34
C LYS C 67 -9.29 15.40 -26.09
N GLY C 68 -8.88 16.66 -26.06
CA GLY C 68 -9.68 17.67 -26.76
C GLY C 68 -10.96 18.01 -26.03
N THR C 69 -11.19 17.53 -24.80
CA THR C 69 -12.41 17.85 -24.09
C THR C 69 -12.13 18.08 -22.60
N TRP C 70 -11.00 18.69 -22.24
CA TRP C 70 -10.70 18.88 -20.81
C TRP C 70 -11.78 19.57 -20.00
N ARG C 71 -12.67 20.36 -20.63
CA ARG C 71 -13.73 21.00 -19.91
C ARG C 71 -14.83 20.05 -19.48
N SER C 72 -14.71 18.77 -19.84
CA SER C 72 -15.57 17.71 -19.29
C SER C 72 -14.87 16.88 -18.24
N ASP C 73 -13.70 17.29 -17.76
CA ASP C 73 -12.97 16.49 -16.77
C ASP C 73 -13.62 16.43 -15.39
N GLY C 74 -14.54 17.35 -15.11
CA GLY C 74 -15.32 17.33 -13.91
C GLY C 74 -14.71 17.84 -12.63
N VAL C 75 -13.74 18.75 -12.67
CA VAL C 75 -13.04 19.22 -11.48
C VAL C 75 -13.44 20.68 -11.20
N PRO C 76 -14.11 20.90 -10.09
CA PRO C 76 -14.65 22.25 -9.79
C PRO C 76 -13.50 23.23 -9.58
N GLY C 77 -13.61 24.45 -10.13
CA GLY C 77 -12.57 25.44 -9.92
C GLY C 77 -11.40 25.21 -10.84
N VAL C 78 -11.38 24.11 -11.62
CA VAL C 78 -10.29 23.80 -12.52
C VAL C 78 -10.82 23.59 -13.94
N THR C 79 -11.84 22.74 -14.14
CA THR C 79 -12.34 22.55 -15.52
C THR C 79 -13.79 22.98 -15.69
N GLN C 80 -14.46 23.23 -14.57
CA GLN C 80 -15.83 23.74 -14.59
C GLN C 80 -16.18 24.36 -13.26
N GLN C 81 -17.29 25.13 -13.26
CA GLN C 81 -17.95 25.46 -12.01
C GLN C 81 -18.84 24.27 -11.64
N PRO C 82 -19.03 24.01 -10.37
CA PRO C 82 -19.81 22.83 -9.99
C PRO C 82 -21.26 22.88 -10.50
N ILE C 83 -21.89 21.71 -10.54
CA ILE C 83 -23.31 21.62 -10.86
C ILE C 83 -24.15 21.92 -9.64
N GLU C 84 -24.79 23.09 -9.57
CA GLU C 84 -25.48 23.41 -8.33
C GLU C 84 -26.78 22.63 -8.16
N ALA C 85 -27.25 22.63 -6.93
CA ALA C 85 -28.51 21.98 -6.53
C ALA C 85 -29.65 22.31 -7.48
N GLY C 86 -30.27 21.29 -8.11
CA GLY C 86 -31.31 21.52 -9.09
C GLY C 86 -30.92 21.67 -10.53
N ASP C 87 -29.64 21.99 -10.75
CA ASP C 87 -29.16 22.30 -12.08
C ASP C 87 -28.77 21.03 -12.85
N SER C 88 -28.47 21.19 -14.12
CA SER C 88 -28.02 20.12 -15.00
C SER C 88 -26.77 20.53 -15.77
N TYR C 89 -26.08 19.52 -16.31
CA TYR C 89 -24.79 19.76 -16.94
C TYR C 89 -24.46 18.61 -17.87
N THR C 90 -23.86 18.89 -19.02
CA THR C 90 -23.58 17.79 -19.95
C THR C 90 -22.10 17.59 -20.12
N TYR C 91 -21.72 16.33 -19.98
CA TYR C 91 -20.38 15.86 -20.23
C TYR C 91 -20.31 15.24 -21.62
N LYS C 92 -19.29 15.54 -22.40
CA LYS C 92 -19.01 14.88 -23.64
C LYS C 92 -17.55 14.49 -23.72
N PHE C 93 -17.25 13.24 -24.05
CA PHE C 93 -15.89 12.80 -24.27
C PHE C 93 -15.80 11.61 -25.21
N LYS C 94 -14.64 11.37 -25.80
CA LYS C 94 -14.41 10.23 -26.67
C LYS C 94 -13.71 9.14 -25.86
N ALA C 95 -14.26 7.93 -25.88
CA ALA C 95 -13.72 6.87 -25.02
C ALA C 95 -12.52 6.27 -25.70
N ASP C 96 -11.41 7.04 -25.79
CA ASP C 96 -10.28 6.46 -26.50
C ASP C 96 -9.36 5.69 -25.54
N ARG C 97 -9.55 5.85 -24.25
CA ARG C 97 -8.73 5.07 -23.30
C ARG C 97 -9.49 3.80 -22.95
N ILE C 98 -8.91 2.64 -23.14
CA ILE C 98 -9.57 1.36 -22.89
C ILE C 98 -9.49 0.88 -21.45
N GLY C 99 -10.40 -0.02 -21.08
CA GLY C 99 -10.24 -0.80 -19.86
C GLY C 99 -11.21 -0.43 -18.77
N THR C 100 -10.87 -0.91 -17.57
CA THR C 100 -11.63 -0.66 -16.37
C THR C 100 -11.42 0.76 -15.86
N LEU C 101 -12.37 1.65 -16.12
CA LEU C 101 -12.31 3.03 -15.63
C LEU C 101 -13.38 3.21 -14.59
N TRP C 102 -13.55 4.41 -14.02
CA TRP C 102 -14.67 4.61 -13.11
C TRP C 102 -15.00 6.10 -13.11
N TYR C 103 -16.07 6.45 -12.42
CA TYR C 103 -16.50 7.86 -12.42
C TYR C 103 -16.87 8.19 -10.98
N HIS C 104 -16.67 9.45 -10.59
CA HIS C 104 -17.01 9.83 -9.24
C HIS C 104 -17.10 11.36 -9.10
N CYS C 105 -17.80 11.78 -8.04
CA CYS C 105 -17.90 13.23 -7.78
C CYS C 105 -16.49 13.77 -7.50
N HIS C 106 -16.27 15.04 -7.85
CA HIS C 106 -14.95 15.62 -7.52
C HIS C 106 -15.17 16.91 -6.71
N VAL C 107 -16.37 17.08 -6.16
CA VAL C 107 -16.62 18.15 -5.18
C VAL C 107 -16.51 17.54 -3.77
N ASN C 108 -15.76 18.16 -2.87
CA ASN C 108 -15.71 17.68 -1.50
C ASN C 108 -15.39 16.18 -1.41
N VAL C 109 -14.42 15.76 -2.20
CA VAL C 109 -14.17 14.35 -2.46
C VAL C 109 -14.00 13.52 -1.19
N ASN C 110 -13.38 14.07 -0.15
CA ASN C 110 -13.15 13.29 1.06
C ASN C 110 -14.46 12.77 1.65
N GLU C 111 -15.51 13.61 1.55
CA GLU C 111 -16.80 13.15 2.04
C GLU C 111 -17.63 12.48 0.95
N HIS C 112 -17.77 13.15 -0.20
CA HIS C 112 -18.70 12.67 -1.21
C HIS C 112 -18.24 11.32 -1.79
N VAL C 113 -16.95 11.14 -2.07
CA VAL C 113 -16.51 9.82 -2.56
C VAL C 113 -16.17 8.92 -1.36
N GLY C 114 -15.65 9.48 -0.29
CA GLY C 114 -15.22 8.69 0.87
C GLY C 114 -16.41 7.98 1.52
N VAL C 115 -17.49 8.72 1.79
CA VAL C 115 -18.59 8.04 2.49
C VAL C 115 -19.96 8.30 1.86
N ARG C 116 -20.11 9.06 0.76
CA ARG C 116 -21.47 9.27 0.28
C ARG C 116 -21.77 8.54 -1.02
N GLY C 117 -20.95 7.56 -1.40
CA GLY C 117 -21.31 6.62 -2.43
C GLY C 117 -21.30 7.16 -3.83
N MET C 118 -20.63 8.31 -4.03
CA MET C 118 -20.67 8.98 -5.30
C MET C 118 -19.64 8.44 -6.28
N TRP C 119 -19.90 7.20 -6.73
CA TRP C 119 -19.02 6.56 -7.66
C TRP C 119 -19.68 5.39 -8.37
N GLY C 120 -19.12 5.06 -9.52
CA GLY C 120 -19.57 3.87 -10.25
C GLY C 120 -18.59 3.45 -11.31
N PRO C 121 -18.79 2.32 -11.96
CA PRO C 121 -17.85 1.75 -12.92
C PRO C 121 -18.12 2.20 -14.36
N LEU C 122 -17.05 2.43 -15.10
CA LEU C 122 -17.07 2.81 -16.51
C LEU C 122 -16.11 1.86 -17.22
N ILE C 123 -16.70 0.92 -17.98
CA ILE C 123 -15.96 -0.10 -18.67
C ILE C 123 -15.88 0.23 -20.16
N VAL C 124 -14.68 0.32 -20.71
CA VAL C 124 -14.45 0.64 -22.11
C VAL C 124 -13.87 -0.61 -22.75
N ASP C 125 -14.58 -1.27 -23.65
CA ASP C 125 -14.09 -2.48 -24.26
C ASP C 125 -13.07 -2.15 -25.34
N PRO C 126 -11.89 -2.75 -25.32
CA PRO C 126 -10.97 -2.50 -26.40
C PRO C 126 -11.56 -3.01 -27.72
N LYS C 127 -11.31 -2.30 -28.81
CA LYS C 127 -11.69 -2.92 -30.09
C LYS C 127 -10.90 -4.24 -30.25
N GLN C 128 -9.72 -4.34 -29.66
CA GLN C 128 -8.83 -5.50 -29.64
C GLN C 128 -8.43 -6.04 -28.28
N PRO C 129 -9.19 -7.01 -27.76
CA PRO C 129 -8.94 -7.48 -26.39
C PRO C 129 -7.80 -8.47 -26.32
N LEU C 130 -7.20 -8.56 -25.12
CA LEU C 130 -6.19 -9.58 -24.95
C LEU C 130 -6.73 -10.93 -25.34
N PRO C 131 -5.88 -11.82 -25.80
CA PRO C 131 -6.22 -13.24 -25.91
C PRO C 131 -6.87 -13.81 -24.65
N ILE C 132 -6.35 -13.51 -23.47
CA ILE C 132 -6.86 -13.96 -22.18
C ILE C 132 -8.32 -13.55 -21.97
N GLU C 133 -8.59 -12.31 -22.40
CA GLU C 133 -9.97 -11.86 -22.25
C GLU C 133 -10.89 -12.68 -23.13
N LYS C 134 -10.35 -13.28 -24.17
CA LYS C 134 -11.19 -14.04 -25.10
C LYS C 134 -11.89 -15.22 -24.43
N ARG C 135 -11.20 -15.84 -23.49
CA ARG C 135 -11.68 -17.03 -22.80
C ARG C 135 -12.65 -16.72 -21.67
N VAL C 136 -12.81 -15.46 -21.33
CA VAL C 136 -13.59 -15.11 -20.15
C VAL C 136 -15.06 -15.48 -20.28
N THR C 137 -15.61 -16.15 -19.29
CA THR C 137 -17.03 -16.50 -19.29
C THR C 137 -17.85 -15.75 -18.26
N LYS C 138 -17.22 -15.00 -17.37
CA LYS C 138 -17.94 -14.25 -16.36
C LYS C 138 -17.12 -13.01 -15.99
N ASP C 139 -17.76 -11.85 -15.92
CA ASP C 139 -17.05 -10.57 -15.69
C ASP C 139 -17.60 -10.04 -14.39
N VAL C 140 -16.75 -9.58 -13.48
CA VAL C 140 -17.15 -9.32 -12.10
C VAL C 140 -16.60 -7.97 -11.63
N ILE C 141 -17.40 -7.08 -11.10
CA ILE C 141 -16.93 -5.78 -10.59
C ILE C 141 -17.01 -5.77 -9.08
N MET C 142 -15.88 -5.44 -8.42
CA MET C 142 -15.81 -5.31 -6.98
C MET C 142 -15.24 -3.93 -6.58
N MET C 143 -16.11 -3.06 -6.09
CA MET C 143 -15.72 -1.69 -5.72
C MET C 143 -15.69 -1.61 -4.22
N MET C 144 -14.49 -1.42 -3.66
CA MET C 144 -14.35 -1.44 -2.22
C MET C 144 -14.41 -0.02 -1.65
N SER C 145 -15.00 0.13 -0.45
CA SER C 145 -14.99 1.44 0.17
C SER C 145 -15.20 1.30 1.67
N THR C 146 -15.17 2.38 2.41
CA THR C 146 -15.25 2.36 3.88
C THR C 146 -16.31 3.36 4.32
N TRP C 147 -16.80 3.15 5.55
CA TRP C 147 -17.91 3.98 6.04
C TRP C 147 -17.66 4.48 7.45
N GLU C 148 -18.17 5.66 7.79
CA GLU C 148 -17.95 6.19 9.13
C GLU C 148 -19.27 6.30 9.87
N SER C 149 -19.55 5.43 10.85
CA SER C 149 -20.92 5.39 11.36
C SER C 149 -21.31 6.70 12.00
N ALA C 150 -20.35 7.44 12.55
CA ALA C 150 -20.81 8.64 13.28
C ALA C 150 -21.46 9.71 12.41
N VAL C 151 -21.24 9.68 11.10
CA VAL C 151 -21.80 10.70 10.22
C VAL C 151 -22.77 10.08 9.23
N ALA C 152 -23.28 8.88 9.55
CA ALA C 152 -24.19 8.23 8.62
C ALA C 152 -25.46 8.99 8.28
N ASP C 153 -25.98 9.80 9.21
CA ASP C 153 -27.29 10.40 8.90
C ASP C 153 -27.21 11.85 8.45
N LYS C 154 -26.04 12.46 8.41
CA LYS C 154 -25.87 13.88 8.21
C LYS C 154 -24.90 14.27 7.11
N TYR C 155 -25.44 14.67 5.96
CA TYR C 155 -24.56 15.19 4.92
C TYR C 155 -23.73 16.36 5.45
N GLY C 156 -22.50 16.51 4.97
CA GLY C 156 -21.68 17.66 5.29
C GLY C 156 -20.59 17.41 6.31
N GLU C 157 -20.51 16.20 6.84
CA GLU C 157 -19.44 15.80 7.74
C GLU C 157 -18.85 14.51 7.22
N GLY C 158 -17.60 14.23 7.56
CA GLY C 158 -17.06 12.92 7.26
C GLY C 158 -15.79 12.99 6.45
N GLY C 159 -15.06 11.87 6.40
CA GLY C 159 -13.99 11.78 5.45
C GLY C 159 -12.73 12.54 5.84
N THR C 160 -12.49 12.71 7.14
CA THR C 160 -11.28 13.39 7.56
C THR C 160 -10.45 12.45 8.41
N PRO C 161 -9.19 12.76 8.69
CA PRO C 161 -8.42 11.91 9.59
C PRO C 161 -8.99 11.89 11.00
N MET C 162 -9.92 12.75 11.34
CA MET C 162 -10.40 12.73 12.74
C MET C 162 -11.59 11.78 12.88
N ASN C 163 -12.24 11.44 11.75
CA ASN C 163 -13.34 10.48 11.73
C ASN C 163 -12.87 9.06 11.91
N VAL C 164 -13.77 8.14 12.25
CA VAL C 164 -13.32 6.76 12.40
C VAL C 164 -14.00 5.88 11.36
N ALA C 165 -13.23 5.22 10.51
CA ALA C 165 -13.93 4.33 9.55
C ALA C 165 -14.13 2.97 10.22
N ASP C 166 -15.39 2.63 10.47
CA ASP C 166 -15.67 1.44 11.25
C ASP C 166 -16.51 0.41 10.52
N TYR C 167 -16.90 0.65 9.28
CA TYR C 167 -17.57 -0.36 8.44
C TYR C 167 -16.91 -0.32 7.08
N PHE C 168 -16.89 -1.46 6.38
CA PHE C 168 -16.12 -1.76 5.20
C PHE C 168 -17.00 -2.59 4.24
N SER C 169 -16.84 -2.34 2.95
CA SER C 169 -17.74 -3.03 2.03
C SER C 169 -17.16 -3.37 0.68
N VAL C 170 -17.87 -4.28 -0.01
CA VAL C 170 -17.70 -4.42 -1.45
C VAL C 170 -19.06 -4.07 -2.06
N ASN C 171 -19.03 -3.19 -3.06
CA ASN C 171 -20.29 -2.76 -3.70
C ASN C 171 -21.32 -2.32 -2.68
N ALA C 172 -20.87 -1.57 -1.68
CA ALA C 172 -21.69 -0.89 -0.68
C ALA C 172 -22.46 -1.82 0.24
N LYS C 173 -22.03 -3.09 0.36
CA LYS C 173 -22.53 -3.97 1.42
C LYS C 173 -21.40 -4.60 2.23
N SER C 174 -21.68 -4.75 3.53
CA SER C 174 -20.82 -5.44 4.46
C SER C 174 -21.31 -6.86 4.73
N PHE C 175 -20.45 -7.86 4.65
CA PHE C 175 -20.83 -9.23 5.04
C PHE C 175 -21.59 -9.23 6.33
N PRO C 176 -22.68 -9.96 6.51
CA PRO C 176 -23.22 -10.93 5.57
C PRO C 176 -24.17 -10.43 4.51
N LEU C 177 -24.28 -9.11 4.34
CA LEU C 177 -25.22 -8.59 3.35
C LEU C 177 -24.63 -8.51 1.94
N THR C 178 -23.36 -8.88 1.76
CA THR C 178 -22.82 -9.10 0.44
C THR C 178 -23.47 -10.35 -0.17
N GLN C 179 -23.04 -10.71 -1.37
CA GLN C 179 -23.61 -11.86 -2.06
C GLN C 179 -22.51 -12.78 -2.53
N PRO C 180 -22.76 -14.08 -2.66
CA PRO C 180 -21.74 -14.98 -3.17
C PRO C 180 -21.47 -14.74 -4.65
N LEU C 181 -20.29 -15.16 -5.09
CA LEU C 181 -19.87 -15.16 -6.48
C LEU C 181 -20.04 -16.60 -6.94
N ARG C 182 -21.17 -16.84 -7.63
CA ARG C 182 -21.49 -18.23 -8.02
C ARG C 182 -20.89 -18.53 -9.38
N VAL C 183 -20.17 -19.64 -9.43
CA VAL C 183 -19.48 -20.07 -10.63
C VAL C 183 -19.75 -21.54 -10.90
N LYS C 184 -19.41 -21.99 -12.09
CA LYS C 184 -19.39 -23.44 -12.31
C LYS C 184 -18.01 -23.86 -12.77
N LYS C 185 -17.69 -25.12 -12.56
CA LYS C 185 -16.39 -25.66 -12.97
CA LYS C 185 -16.38 -25.63 -12.96
C LYS C 185 -16.16 -25.35 -14.45
N GLY C 186 -14.98 -24.80 -14.72
CA GLY C 186 -14.59 -24.46 -16.07
C GLY C 186 -14.79 -22.99 -16.39
N ASP C 187 -15.50 -22.27 -15.52
CA ASP C 187 -15.62 -20.82 -15.75
C ASP C 187 -14.22 -20.20 -15.80
N VAL C 188 -14.12 -19.09 -16.55
CA VAL C 188 -12.93 -18.25 -16.61
C VAL C 188 -13.39 -16.88 -16.14
N VAL C 189 -13.00 -16.48 -14.93
CA VAL C 189 -13.62 -15.33 -14.28
C VAL C 189 -12.67 -14.13 -14.31
N LYS C 190 -13.15 -13.06 -14.93
CA LYS C 190 -12.46 -11.77 -14.87
C LYS C 190 -13.03 -10.97 -13.73
N ILE C 191 -12.19 -10.56 -12.77
CA ILE C 191 -12.57 -9.73 -11.66
C ILE C 191 -11.84 -8.40 -11.76
N ARG C 192 -12.62 -7.33 -11.66
CA ARG C 192 -12.08 -5.97 -11.71
C ARG C 192 -12.23 -5.37 -10.33
N PHE C 193 -11.10 -5.12 -9.63
CA PHE C 193 -11.12 -4.52 -8.34
C PHE C 193 -10.96 -2.97 -8.43
N PHE C 194 -11.71 -2.27 -7.60
CA PHE C 194 -11.62 -0.81 -7.61
C PHE C 194 -11.40 -0.29 -6.19
N GLY C 195 -10.42 0.61 -6.04
CA GLY C 195 -10.27 1.30 -4.76
C GLY C 195 -11.16 2.54 -4.80
N ALA C 196 -12.45 2.35 -4.50
CA ALA C 196 -13.39 3.45 -4.72
C ALA C 196 -13.39 4.40 -3.53
N GLY C 197 -13.19 3.97 -2.29
CA GLY C 197 -13.20 4.84 -1.13
C GLY C 197 -11.77 5.17 -0.72
N GLY C 198 -11.61 5.54 0.55
CA GLY C 198 -10.32 6.03 1.02
C GLY C 198 -9.43 4.99 1.69
N GLY C 199 -9.83 3.72 1.71
CA GLY C 199 -9.01 2.71 2.34
C GLY C 199 -8.16 1.88 1.39
N ILE C 200 -7.30 1.07 2.03
CA ILE C 200 -6.52 0.09 1.28
CA ILE C 200 -6.53 0.10 1.25
C ILE C 200 -7.08 -1.30 1.52
N HIS C 201 -7.16 -2.12 0.50
CA HIS C 201 -7.83 -3.42 0.62
C HIS C 201 -6.92 -4.51 0.08
N ALA C 202 -6.64 -5.55 0.88
CA ALA C 202 -5.79 -6.63 0.39
C ALA C 202 -6.66 -7.81 -0.01
N MET C 203 -7.01 -7.88 -1.28
CA MET C 203 -8.02 -8.87 -1.71
C MET C 203 -7.38 -10.23 -1.96
N HIS C 204 -7.86 -11.22 -1.19
CA HIS C 204 -7.29 -12.57 -1.16
C HIS C 204 -8.35 -13.60 -1.53
N SER C 205 -8.01 -14.40 -2.52
CA SER C 205 -8.93 -15.45 -2.95
C SER C 205 -8.48 -16.81 -2.41
N HIS C 206 -9.33 -17.42 -1.57
CA HIS C 206 -8.97 -18.81 -1.18
C HIS C 206 -9.10 -19.74 -2.36
N GLY C 207 -8.45 -20.89 -2.36
CA GLY C 207 -8.65 -21.94 -3.32
C GLY C 207 -8.06 -21.73 -4.68
N HIS C 208 -7.60 -20.51 -4.99
CA HIS C 208 -7.21 -20.13 -6.35
C HIS C 208 -6.12 -19.06 -6.33
N ASP C 209 -5.23 -19.08 -7.30
CA ASP C 209 -4.42 -17.91 -7.57
C ASP C 209 -5.13 -17.02 -8.59
N MET C 210 -4.82 -15.73 -8.51
CA MET C 210 -5.29 -14.76 -9.49
C MET C 210 -4.17 -14.42 -10.47
N LEU C 211 -4.48 -14.33 -11.77
CA LEU C 211 -3.50 -13.81 -12.73
C LEU C 211 -3.79 -12.31 -12.91
N VAL C 212 -2.86 -11.46 -12.44
CA VAL C 212 -3.08 -10.02 -12.58
C VAL C 212 -2.71 -9.60 -13.98
N THR C 213 -3.71 -9.15 -14.76
CA THR C 213 -3.52 -8.88 -16.16
C THR C 213 -3.57 -7.39 -16.52
N HIS C 214 -4.23 -6.60 -15.70
CA HIS C 214 -4.34 -5.17 -16.02
C HIS C 214 -4.16 -4.31 -14.76
N LYS C 215 -3.48 -3.16 -14.97
CA LYS C 215 -3.34 -2.16 -13.93
C LYS C 215 -4.00 -0.87 -14.46
N ASP C 216 -4.93 -0.35 -13.67
CA ASP C 216 -5.71 0.82 -14.05
C ASP C 216 -6.29 0.68 -15.45
N GLY C 217 -6.72 -0.54 -15.74
CA GLY C 217 -7.36 -0.85 -16.99
C GLY C 217 -6.46 -1.13 -18.17
N LEU C 218 -5.13 -0.96 -18.07
CA LEU C 218 -4.23 -1.18 -19.19
C LEU C 218 -3.49 -2.51 -19.02
N PRO C 219 -3.40 -3.26 -20.08
CA PRO C 219 -2.83 -4.60 -19.98
C PRO C 219 -1.33 -4.56 -19.71
N LEU C 220 -0.96 -5.39 -18.71
CA LEU C 220 0.45 -5.50 -18.39
C LEU C 220 1.24 -6.33 -19.41
N ASP C 221 2.43 -5.84 -19.80
CA ASP C 221 3.27 -6.70 -20.61
C ASP C 221 3.72 -7.95 -19.84
N SER C 222 3.86 -7.84 -18.53
CA SER C 222 4.28 -8.98 -17.71
CA SER C 222 4.30 -8.95 -17.69
C SER C 222 3.27 -9.24 -16.60
N PRO C 223 2.22 -9.97 -16.95
CA PRO C 223 1.25 -10.34 -15.93
C PRO C 223 1.90 -11.27 -14.91
N TYR C 224 1.28 -11.28 -13.74
CA TYR C 224 1.87 -12.06 -12.66
C TYR C 224 0.79 -12.65 -11.77
N TYR C 225 1.09 -13.80 -11.14
CA TYR C 225 0.14 -14.41 -10.26
C TYR C 225 0.24 -13.85 -8.86
N ALA C 226 -0.92 -13.82 -8.22
CA ALA C 226 -0.98 -13.37 -6.83
C ALA C 226 -2.07 -14.13 -6.08
N ASP C 227 -1.99 -14.35 -4.78
CA ASP C 227 -3.20 -14.82 -4.07
C ASP C 227 -3.77 -13.65 -3.27
N THR C 228 -3.02 -12.55 -3.14
CA THR C 228 -3.48 -11.37 -2.43
C THR C 228 -3.10 -10.13 -3.21
N VAL C 229 -4.07 -9.33 -3.63
CA VAL C 229 -3.82 -8.14 -4.44
C VAL C 229 -4.18 -6.90 -3.63
N LEU C 230 -3.21 -6.01 -3.44
CA LEU C 230 -3.43 -4.77 -2.71
C LEU C 230 -4.05 -3.71 -3.64
N VAL C 231 -5.20 -3.20 -3.20
CA VAL C 231 -5.94 -2.20 -3.99
C VAL C 231 -6.02 -0.92 -3.15
N SER C 232 -5.47 0.20 -3.63
CA SER C 232 -5.50 1.44 -2.86
CA SER C 232 -5.52 1.44 -2.86
C SER C 232 -6.39 2.48 -3.56
N PRO C 233 -6.72 3.58 -2.89
CA PRO C 233 -7.64 4.57 -3.50
C PRO C 233 -7.30 5.02 -4.91
N GLY C 234 -8.30 4.95 -5.81
CA GLY C 234 -8.07 5.33 -7.19
C GLY C 234 -7.72 4.21 -8.12
N GLU C 235 -7.04 3.18 -7.59
CA GLU C 235 -6.51 2.15 -8.44
C GLU C 235 -7.55 1.15 -8.97
N ARG C 236 -7.25 0.50 -10.08
CA ARG C 236 -7.99 -0.69 -10.45
C ARG C 236 -6.98 -1.79 -10.78
N TYR C 237 -7.35 -3.03 -10.46
CA TYR C 237 -6.62 -4.19 -10.93
C TYR C 237 -7.60 -5.17 -11.60
N ASP C 238 -7.25 -5.71 -12.75
CA ASP C 238 -8.07 -6.78 -13.34
C ASP C 238 -7.31 -8.10 -13.11
N VAL C 239 -8.02 -9.14 -12.69
CA VAL C 239 -7.38 -10.45 -12.61
C VAL C 239 -8.24 -11.48 -13.33
N ILE C 240 -7.61 -12.65 -13.54
CA ILE C 240 -8.35 -13.77 -14.09
C ILE C 240 -8.26 -14.93 -13.09
N ILE C 241 -9.39 -15.57 -12.78
CA ILE C 241 -9.35 -16.79 -11.95
C ILE C 241 -9.89 -17.94 -12.81
N GLU C 242 -9.15 -19.05 -12.87
CA GLU C 242 -9.59 -20.26 -13.55
C GLU C 242 -10.43 -21.04 -12.53
N ALA C 243 -11.73 -21.18 -12.79
CA ALA C 243 -12.59 -21.81 -11.81
C ALA C 243 -12.50 -23.32 -11.99
N ASP C 244 -11.36 -23.87 -11.57
CA ASP C 244 -11.19 -25.30 -11.81
C ASP C 244 -11.07 -26.11 -10.52
N ASN C 245 -11.57 -25.58 -9.42
CA ASN C 245 -11.31 -26.18 -8.12
C ASN C 245 -12.58 -26.12 -7.30
N PRO C 246 -13.55 -27.00 -7.58
CA PRO C 246 -14.85 -26.87 -6.93
C PRO C 246 -14.81 -27.01 -5.40
N GLY C 247 -15.56 -26.09 -4.78
CA GLY C 247 -15.76 -26.02 -3.35
C GLY C 247 -16.47 -24.75 -2.96
N ARG C 248 -16.40 -24.34 -1.70
CA ARG C 248 -16.87 -23.03 -1.22
C ARG C 248 -15.60 -22.29 -0.73
N PHE C 249 -15.19 -21.24 -1.45
CA PHE C 249 -13.91 -20.62 -1.14
C PHE C 249 -14.10 -19.13 -0.82
N ILE C 250 -13.83 -18.75 0.41
CA ILE C 250 -14.07 -17.33 0.77
C ILE C 250 -13.09 -16.45 0.04
N PHE C 251 -13.48 -15.19 -0.12
CA PHE C 251 -12.75 -14.27 -0.99
C PHE C 251 -12.93 -12.91 -0.31
N HIS C 252 -11.88 -12.31 0.26
CA HIS C 252 -12.11 -11.20 1.18
C HIS C 252 -10.91 -10.27 1.31
N ASP C 253 -11.19 -9.10 1.88
CA ASP C 253 -10.09 -8.21 2.25
C ASP C 253 -9.32 -8.79 3.43
N HIS C 254 -8.02 -8.92 3.29
CA HIS C 254 -7.19 -9.53 4.35
C HIS C 254 -6.70 -8.50 5.33
N VAL C 255 -7.04 -7.22 5.16
CA VAL C 255 -6.65 -6.28 6.21
C VAL C 255 -7.48 -6.54 7.45
N ASP C 256 -6.81 -6.99 8.54
CA ASP C 256 -7.51 -7.54 9.70
C ASP C 256 -8.61 -6.67 10.26
N THR C 257 -8.42 -5.36 10.42
CA THR C 257 -9.49 -4.55 10.99
C THR C 257 -10.65 -4.37 10.01
N HIS C 258 -10.47 -4.76 8.74
CA HIS C 258 -11.51 -4.54 7.73
C HIS C 258 -12.55 -5.65 7.74
N VAL C 259 -12.25 -6.76 8.42
CA VAL C 259 -13.30 -7.80 8.46
C VAL C 259 -14.06 -7.72 9.77
N THR C 260 -14.42 -6.48 10.10
CA THR C 260 -15.27 -6.12 11.23
C THR C 260 -16.36 -5.17 10.77
N ALA C 261 -17.33 -4.93 11.64
CA ALA C 261 -18.45 -4.08 11.33
C ALA C 261 -18.88 -3.46 12.66
N GLY C 262 -18.65 -2.15 12.84
CA GLY C 262 -19.00 -1.56 14.11
C GLY C 262 -18.29 -2.26 15.27
N GLY C 263 -17.07 -2.71 15.06
CA GLY C 263 -16.29 -3.34 16.13
C GLY C 263 -16.48 -4.84 16.29
N LYS C 264 -17.42 -5.41 15.55
CA LYS C 264 -17.84 -6.82 15.67
C LYS C 264 -17.41 -7.63 14.45
N HIS C 265 -17.05 -8.90 14.63
CA HIS C 265 -16.55 -9.77 13.56
C HIS C 265 -17.59 -10.88 13.42
N PRO C 266 -17.87 -11.42 12.25
CA PRO C 266 -17.28 -10.99 10.97
C PRO C 266 -18.10 -9.90 10.34
N GLY C 267 -17.53 -9.19 9.38
CA GLY C 267 -18.21 -8.10 8.66
C GLY C 267 -17.25 -7.72 7.54
N GLY C 268 -17.66 -6.77 6.71
CA GLY C 268 -16.70 -6.24 5.75
C GLY C 268 -16.75 -6.82 4.35
N PRO C 269 -15.69 -6.59 3.57
CA PRO C 269 -15.67 -6.99 2.17
C PRO C 269 -15.35 -8.48 2.08
N ILE C 270 -16.42 -9.26 2.20
CA ILE C 270 -16.25 -10.72 2.17
C ILE C 270 -17.31 -11.28 1.22
N THR C 271 -16.85 -12.13 0.31
CA THR C 271 -17.77 -12.95 -0.46
C THR C 271 -17.29 -14.40 -0.41
N VAL C 272 -17.99 -15.28 -1.11
CA VAL C 272 -17.64 -16.69 -1.17
C VAL C 272 -17.71 -17.12 -2.63
N ILE C 273 -16.67 -17.71 -3.17
CA ILE C 273 -16.76 -18.33 -4.50
C ILE C 273 -17.49 -19.66 -4.31
N GLU C 274 -18.73 -19.76 -4.74
CA GLU C 274 -19.61 -20.90 -4.55
C GLU C 274 -19.68 -21.64 -5.88
N TYR C 275 -19.20 -22.89 -5.93
CA TYR C 275 -19.34 -23.62 -7.18
C TYR C 275 -20.66 -24.42 -7.22
N ASP C 276 -21.23 -24.37 -8.42
CA ASP C 276 -22.47 -25.12 -8.59
C ASP C 276 -22.25 -26.60 -8.24
N GLY C 277 -23.24 -27.16 -7.56
CA GLY C 277 -23.14 -28.61 -7.41
C GLY C 277 -22.46 -29.05 -6.14
N VAL C 278 -21.77 -28.13 -5.48
CA VAL C 278 -21.19 -28.55 -4.18
C VAL C 278 -22.27 -28.64 -3.12
N PRO C 279 -22.45 -29.76 -2.40
CA PRO C 279 -23.53 -29.84 -1.42
C PRO C 279 -23.41 -28.81 -0.31
N VAL C 280 -24.54 -28.22 -0.02
CA VAL C 280 -24.60 -27.21 1.02
C VAL C 280 -24.76 -27.85 2.38
N ASP C 281 -23.79 -27.62 3.28
CA ASP C 281 -23.87 -28.10 4.65
C ASP C 281 -24.87 -27.33 5.50
N ASP C 282 -25.39 -28.00 6.52
CA ASP C 282 -26.40 -27.40 7.38
C ASP C 282 -25.91 -26.11 8.03
N TRP C 283 -24.61 -26.08 8.36
CA TRP C 283 -24.01 -24.98 9.09
C TRP C 283 -23.45 -23.93 8.14
N TYR C 284 -23.66 -24.04 6.82
CA TYR C 284 -23.12 -23.01 5.92
C TYR C 284 -23.78 -21.67 6.19
N VAL C 285 -22.98 -20.63 6.44
CA VAL C 285 -23.51 -19.30 6.74
C VAL C 285 -24.49 -18.78 5.71
N TRP C 286 -24.28 -19.13 4.44
CA TRP C 286 -25.14 -18.56 3.40
C TRP C 286 -26.09 -19.60 2.82
N LYS C 287 -26.39 -20.60 3.66
CA LYS C 287 -27.36 -21.60 3.22
C LYS C 287 -28.68 -20.89 2.94
N ASP C 288 -29.45 -21.20 1.91
CA ASP C 288 -30.70 -20.42 1.77
C ASP C 288 -30.49 -18.91 1.60
N LYS C 289 -29.38 -18.42 1.08
CA LYS C 289 -29.21 -17.00 0.79
C LYS C 289 -30.26 -16.51 -0.21
N ASP C 290 -30.80 -15.32 0.02
CA ASP C 290 -31.66 -14.67 -0.96
C ASP C 290 -30.75 -14.06 -2.02
N TYR C 291 -30.54 -14.74 -3.12
CA TYR C 291 -29.42 -14.51 -4.01
C TYR C 291 -29.67 -13.42 -5.05
N ASP C 292 -28.66 -12.58 -5.25
CA ASP C 292 -28.73 -11.54 -6.30
C ASP C 292 -27.67 -11.85 -7.34
N PRO C 293 -27.98 -12.37 -8.51
CA PRO C 293 -26.99 -12.75 -9.49
C PRO C 293 -26.27 -11.54 -10.10
N ASN C 294 -26.76 -10.34 -9.83
CA ASN C 294 -26.13 -9.15 -10.44
C ASN C 294 -25.42 -8.28 -9.41
N PHE C 295 -25.12 -8.81 -8.24
CA PHE C 295 -24.44 -8.06 -7.19
C PHE C 295 -23.06 -7.59 -7.64
N PHE C 296 -22.45 -8.29 -8.57
CA PHE C 296 -21.15 -7.84 -9.07
C PHE C 296 -21.28 -7.31 -10.50
N TYR C 297 -22.51 -6.93 -10.90
CA TYR C 297 -22.82 -6.48 -12.24
C TYR C 297 -22.59 -7.53 -13.30
N SER C 298 -22.44 -8.84 -12.99
CA SER C 298 -22.06 -9.77 -14.03
C SER C 298 -23.20 -9.97 -15.06
N GLU C 299 -24.45 -9.78 -14.64
CA GLU C 299 -25.53 -9.91 -15.66
C GLU C 299 -25.52 -8.67 -16.53
N SER C 300 -25.43 -7.51 -15.86
CA SER C 300 -25.43 -6.29 -16.69
C SER C 300 -24.32 -6.24 -17.71
N LEU C 301 -23.16 -6.79 -17.29
CA LEU C 301 -22.00 -6.78 -18.17
C LEU C 301 -22.17 -7.65 -19.40
N LYS C 302 -23.22 -8.48 -19.46
CA LYS C 302 -23.41 -9.26 -20.67
C LYS C 302 -24.42 -8.58 -21.59
N GLN C 303 -24.93 -7.42 -21.21
CA GLN C 303 -26.08 -6.83 -21.94
C GLN C 303 -25.65 -5.81 -22.96
N GLY C 304 -24.37 -5.67 -23.26
CA GLY C 304 -23.96 -4.78 -24.36
C GLY C 304 -23.65 -3.38 -23.87
N TYR C 305 -23.63 -2.42 -24.82
CA TYR C 305 -23.24 -1.06 -24.43
CA TYR C 305 -23.25 -1.07 -24.43
C TYR C 305 -24.43 -0.26 -23.95
N GLY C 306 -24.22 0.55 -22.92
CA GLY C 306 -25.28 1.39 -22.41
C GLY C 306 -25.00 1.73 -20.95
N MET C 307 -25.99 2.21 -20.26
CA MET C 307 -25.99 2.60 -18.89
C MET C 307 -27.00 1.69 -18.18
N PHE C 308 -26.54 0.93 -17.20
CA PHE C 308 -27.35 -0.09 -16.55
C PHE C 308 -27.57 0.17 -15.06
N ASP C 309 -28.78 0.42 -14.62
CA ASP C 309 -29.17 0.56 -13.23
C ASP C 309 -29.27 -0.86 -12.66
N HIS C 310 -29.27 -0.99 -11.36
CA HIS C 310 -29.51 -2.30 -10.76
C HIS C 310 -30.39 -2.10 -9.54
N ASP C 311 -31.60 -2.70 -9.48
CA ASP C 311 -32.42 -2.39 -8.32
C ASP C 311 -31.82 -2.80 -6.98
N GLY C 312 -30.96 -3.82 -7.02
CA GLY C 312 -30.36 -4.26 -5.75
C GLY C 312 -29.47 -3.19 -5.12
N PHE C 313 -29.09 -2.19 -5.92
CA PHE C 313 -28.21 -1.14 -5.42
C PHE C 313 -28.98 0.13 -5.08
N LYS C 314 -30.29 0.16 -5.36
CA LYS C 314 -31.04 1.40 -5.12
C LYS C 314 -31.25 1.67 -3.65
N GLY C 315 -31.26 2.96 -3.29
CA GLY C 315 -31.58 3.38 -1.95
C GLY C 315 -33.02 3.84 -1.85
N GLU C 316 -33.43 4.14 -0.62
CA GLU C 316 -34.78 4.67 -0.44
C GLU C 316 -34.75 6.18 -0.28
N PHE C 317 -35.82 6.85 -0.71
CA PHE C 317 -36.03 8.25 -0.38
C PHE C 317 -36.74 8.40 0.96
CU CU D . 17.34 14.58 13.16
CU CU E . 15.29 6.08 4.02
CU CU F . -8.92 13.75 -9.20
CU CU G . -9.02 11.13 -12.23
O1 OXY H . -9.61 11.42 -9.98
O2 OXY H . -9.93 11.80 -8.89
CL CL I . 0.24 24.03 -24.74
CU CU J . 17.10 3.26 7.60
CU CU K . 18.33 3.62 3.75
O1 OXY L . 16.61 4.60 5.53
O2 OXY L . 15.94 4.60 6.53
CU CU M . -8.24 -18.46 16.64
CU CU N . -4.37 -15.53 4.98
CU CU O . -9.17 -15.92 4.36
CU CU P . -6.19 -17.76 2.37
O1 OXY Q . -6.55 -16.11 4.31
O2 OXY Q . -7.24 -15.43 5.04
CU CU R . -20.60 15.38 -4.71
CU CU S . -10.55 9.18 -9.27
#